data_6O06
#
_entry.id   6O06
#
_cell.length_a   1
_cell.length_b   1
_cell.length_c   1
_cell.angle_alpha   90
_cell.angle_beta   90
_cell.angle_gamma   90
#
_symmetry.space_group_name_H-M   'P 1'
#
loop_
_entity.id
_entity.type
_entity.pdbx_description
1 polymer VP1
2 polymer VP2
3 polymer VP3
#
loop_
_entity_poly.entity_id
_entity_poly.type
_entity_poly.pdbx_seq_one_letter_code
_entity_poly.pdbx_strand_id
1 'polypeptide(L)'
;GDVQNAVEGAMVRVADTVQTSATNSERVPNLTAVETGHTSQAVPGDTMQTRHVINNHVRSESTIENFLARSACVFYLEYK
TGTKEDSNSFNNWVITTRRVAQLRRKLEMFTYLRFDMEITVVITSSQDQSTSQNQNAPVLTHQIMYVPPGGPIPVSVDDY
SWQTSTNPSIFWTEGNAPARMSIPFISIGNAYSNFYDGWSHFSQAGVYGFTTLNNMGQLFFRHVNKPNPAAITSVARIYF
KPKHVRAWVPRPPRLCPYINSTNVNFEPKPVTEVRTNIITT
;
A
2 'polypeptide(L)'
;GYSDRVRSITLGNSTITTQECANVVVGYGEWPEYLSDNEATAEDQPTQPDVATCRFYTLDSVQWENGSPGWWWKFPDALR
DMGLFGQNMYYHYLGRAGYTIHVQCNASKFHQGCILVVCVPEAEMGSAQTSGVVNYEHISKGEIASRFTTTTTAEDHGVQ
AAVWNAGMGVGVGNLTIFPHQWINLRTNNSATIVMPYVNSVPMDNMYRHHNFTLMIIPFVPLDFSAGASTYVPITVTVAP
MCAEYNGLRLAGHQ
;
B
3 'polypeptide(L)'
;GLPTMNTPGSNQFLTSDDFQSPSAMPQFDVTPEMHIPGEVRNLMEIAEVDSVMPINNDSAAKVSSMEAYRVELSTNTNAG
TQVFGFQLNPGAESVMNRTLMGEILNYYAHWSGSIKITFVFCGSAMTTGKFLLSYAPPGAGAPKTRKDAMLGTHVVWDVG
LQSSCVLCIPWISQTHYRFVEKDPYTNAGFVTCWYQTSVVSPASNQPKCYMMCMVSACNDFSVRMLRDTKFIEQTSFYQ
;
C
#
# COMPACT_ATOMS: atom_id res chain seq x y z
N ASN A 55 3.26 -26.86 14.86
CA ASN A 55 1.94 -26.36 15.34
C ASN A 55 0.94 -27.49 15.42
N ASN A 56 -0.34 -27.14 15.63
CA ASN A 56 -1.40 -28.10 15.82
C ASN A 56 -2.70 -27.36 15.72
N HIS A 57 -2.68 -26.04 15.47
CA HIS A 57 -3.88 -25.25 15.33
C HIS A 57 -3.48 -24.01 14.59
N VAL A 58 -4.49 -23.18 14.24
CA VAL A 58 -4.37 -21.91 13.56
C VAL A 58 -3.54 -20.94 14.38
N ARG A 59 -2.75 -20.09 13.68
CA ARG A 59 -1.81 -19.18 14.31
C ARG A 59 -2.58 -18.00 14.86
N SER A 60 -1.89 -17.16 15.66
CA SER A 60 -2.55 -16.08 16.34
C SER A 60 -1.51 -15.07 16.73
N GLU A 61 -0.30 -15.19 16.15
CA GLU A 61 0.77 -14.27 16.40
C GLU A 61 0.84 -13.32 15.24
N SER A 62 -0.01 -13.54 14.21
CA SER A 62 -0.04 -12.73 13.02
C SER A 62 -1.38 -12.08 12.90
N THR A 63 -2.14 -11.99 14.01
CA THR A 63 -3.33 -11.17 14.09
C THR A 63 -2.95 -9.73 13.95
N ILE A 64 -3.87 -8.90 13.45
CA ILE A 64 -3.68 -7.48 13.24
C ILE A 64 -3.38 -6.80 14.56
N GLU A 65 -3.99 -7.31 15.65
CA GLU A 65 -3.88 -6.73 16.97
C GLU A 65 -2.53 -6.98 17.57
N ASN A 66 -1.79 -8.02 17.13
CA ASN A 66 -0.50 -8.35 17.69
C ASN A 66 0.59 -7.94 16.74
N PHE A 67 0.24 -7.50 15.52
CA PHE A 67 1.21 -7.02 14.57
C PHE A 67 1.49 -5.58 14.91
N LEU A 68 0.53 -4.93 15.58
CA LEU A 68 0.61 -3.57 16.02
C LEU A 68 0.48 -3.67 17.52
N ALA A 69 0.31 -2.52 18.19
CA ALA A 69 0.05 -2.45 19.62
C ALA A 69 1.25 -2.85 20.43
N ARG A 70 2.44 -2.34 20.05
CA ARG A 70 3.66 -2.55 20.78
C ARG A 70 4.14 -1.17 21.10
N SER A 71 4.63 -0.96 22.35
CA SER A 71 5.18 0.30 22.80
C SER A 71 6.43 0.64 22.05
N ALA A 72 6.64 1.94 21.76
CA ALA A 72 7.84 2.38 21.09
C ALA A 72 8.08 3.79 21.53
N CYS A 73 9.36 4.19 21.67
CA CYS A 73 9.76 5.56 21.87
C CYS A 73 9.42 6.32 20.62
N VAL A 74 8.98 7.58 20.74
CA VAL A 74 8.60 8.35 19.58
C VAL A 74 9.19 9.72 19.69
N PHE A 75 9.57 10.18 20.90
CA PHE A 75 10.09 11.52 21.00
C PHE A 75 10.75 11.59 22.33
N TYR A 76 11.55 12.64 22.54
CA TYR A 76 11.89 13.08 23.87
C TYR A 76 12.27 14.51 23.72
N LEU A 77 12.22 15.26 24.84
CA LEU A 77 12.34 16.69 24.82
C LEU A 77 12.86 17.09 26.15
N GLU A 78 13.22 18.38 26.30
CA GLU A 78 13.82 18.88 27.51
C GLU A 78 13.17 20.16 27.80
N TYR A 79 13.19 20.56 29.09
CA TYR A 79 12.72 21.82 29.55
C TYR A 79 13.34 21.96 30.90
N LYS A 80 13.31 23.17 31.49
CA LYS A 80 14.03 23.40 32.71
C LYS A 80 13.30 24.46 33.46
N THR A 81 13.46 24.45 34.81
CA THR A 81 12.92 25.43 35.71
C THR A 81 13.48 26.78 35.38
N GLY A 82 12.66 27.83 35.52
CA GLY A 82 13.06 29.14 35.10
C GLY A 82 11.83 29.96 34.93
N THR A 83 12.05 31.28 34.76
CA THR A 83 11.02 32.28 34.63
C THR A 83 10.45 32.24 33.23
N LYS A 84 9.41 33.07 32.98
CA LYS A 84 8.74 33.12 31.70
C LYS A 84 9.58 33.82 30.67
N GLU A 85 10.57 34.62 31.14
CA GLU A 85 11.57 35.26 30.31
C GLU A 85 12.43 34.25 29.60
N ASP A 86 12.81 33.16 30.32
CA ASP A 86 13.72 32.14 29.84
C ASP A 86 13.16 31.44 28.62
N SER A 87 14.06 31.21 27.63
CA SER A 87 13.73 30.72 26.31
C SER A 87 13.10 29.36 26.31
N ASN A 88 13.65 28.44 27.12
CA ASN A 88 13.20 27.09 27.20
C ASN A 88 12.82 26.94 28.63
N SER A 89 11.55 26.63 28.89
CA SER A 89 11.03 26.55 30.21
C SER A 89 9.70 25.87 30.10
N PHE A 90 9.29 25.52 28.88
CA PHE A 90 8.15 24.68 28.63
C PHE A 90 8.48 24.16 27.27
N ASN A 91 7.86 23.04 26.86
CA ASN A 91 8.18 22.46 25.59
C ASN A 91 6.99 21.66 25.22
N ASN A 92 6.85 21.30 23.93
CA ASN A 92 5.66 20.70 23.42
C ASN A 92 6.07 19.66 22.44
N TRP A 93 5.13 18.77 22.08
CA TRP A 93 5.32 17.79 21.04
C TRP A 93 3.99 17.61 20.42
N VAL A 94 3.95 17.58 19.06
CA VAL A 94 2.75 17.38 18.31
C VAL A 94 2.68 15.91 18.04
N ILE A 95 1.50 15.30 18.31
CA ILE A 95 1.28 13.88 18.16
C ILE A 95 1.20 13.57 16.70
N THR A 96 2.09 12.66 16.25
CA THR A 96 2.12 12.20 14.89
C THR A 96 2.84 10.90 15.00
N THR A 97 2.67 10.03 13.99
CA THR A 97 3.23 8.70 13.97
C THR A 97 4.18 8.58 12.81
N ARG A 98 4.53 9.71 12.16
CA ARG A 98 5.35 9.68 10.99
C ARG A 98 6.76 10.08 11.33
N ARG A 99 7.03 10.42 12.60
CA ARG A 99 8.34 10.81 13.05
C ARG A 99 9.34 9.69 12.97
N VAL A 100 8.94 8.47 13.39
CA VAL A 100 9.84 7.35 13.53
C VAL A 100 9.62 6.48 12.35
N ALA A 101 10.71 6.19 11.61
CA ALA A 101 10.68 5.43 10.38
C ALA A 101 10.16 4.04 10.55
N GLN A 102 10.61 3.34 11.62
CA GLN A 102 10.25 1.97 11.89
C GLN A 102 8.78 1.82 12.14
N LEU A 103 8.20 2.73 12.95
CA LEU A 103 6.79 2.76 13.26
C LEU A 103 5.95 3.04 12.04
N ARG A 104 6.41 4.00 11.21
CA ARG A 104 5.73 4.51 10.07
C ARG A 104 5.51 3.46 9.04
N ARG A 105 6.48 2.54 8.90
CA ARG A 105 6.48 1.46 7.96
C ARG A 105 5.30 0.56 8.15
N LYS A 106 4.93 0.28 9.41
CA LYS A 106 3.94 -0.72 9.74
C LYS A 106 2.57 -0.14 9.82
N LEU A 107 2.42 1.19 9.68
CA LEU A 107 1.13 1.84 9.69
C LEU A 107 0.83 2.32 8.30
N GLU A 108 1.74 2.05 7.35
CA GLU A 108 1.52 2.33 5.95
C GLU A 108 1.30 1.02 5.26
N MET A 109 1.04 -0.05 6.04
CA MET A 109 0.60 -1.31 5.52
C MET A 109 -0.84 -1.25 5.16
N PHE A 110 -1.59 -0.25 5.68
CA PHE A 110 -3.02 -0.20 5.56
C PHE A 110 -3.38 1.20 5.21
N THR A 111 -4.60 1.39 4.68
CA THR A 111 -5.00 2.65 4.11
C THR A 111 -5.84 3.36 5.12
N TYR A 112 -6.48 2.62 6.04
CA TYR A 112 -7.42 3.20 6.97
C TYR A 112 -7.25 2.43 8.23
N LEU A 113 -7.33 3.13 9.37
CA LEU A 113 -7.12 2.55 10.67
C LEU A 113 -7.99 3.33 11.59
N ARG A 114 -8.46 2.70 12.68
CA ARG A 114 -9.07 3.45 13.75
C ARG A 114 -8.67 2.74 14.99
N PHE A 115 -8.32 3.51 16.04
CA PHE A 115 -7.79 2.97 17.25
C PHE A 115 -7.87 4.01 18.31
N ASP A 116 -7.77 3.57 19.58
CA ASP A 116 -7.51 4.42 20.71
C ASP A 116 -6.04 4.30 20.92
N MET A 117 -5.42 5.19 21.71
CA MET A 117 -3.99 5.16 21.89
C MET A 117 -3.74 5.43 23.33
N GLU A 118 -2.57 4.96 23.82
CA GLU A 118 -2.15 5.14 25.18
C GLU A 118 -0.83 5.83 25.07
N ILE A 119 -0.62 6.87 25.88
CA ILE A 119 0.62 7.60 25.87
C ILE A 119 1.07 7.53 27.29
N THR A 120 2.31 7.07 27.49
CA THR A 120 2.95 6.95 28.78
C THR A 120 4.16 7.80 28.63
N VAL A 121 4.46 8.66 29.62
CA VAL A 121 5.65 9.47 29.61
C VAL A 121 6.41 9.07 30.82
N VAL A 122 7.72 8.82 30.64
CA VAL A 122 8.62 8.45 31.70
C VAL A 122 9.62 9.55 31.70
N ILE A 123 9.91 10.10 32.89
CA ILE A 123 10.54 11.38 33.02
C ILE A 123 11.54 11.27 34.12
N THR A 124 12.73 11.86 33.88
CA THR A 124 13.86 11.83 34.77
C THR A 124 14.27 13.27 34.85
N SER A 125 15.14 13.61 35.81
CA SER A 125 15.59 14.97 35.94
C SER A 125 16.93 14.91 36.60
N SER A 126 17.72 15.98 36.42
CA SER A 126 19.00 16.10 37.04
C SER A 126 19.23 17.56 37.18
N GLN A 127 19.95 17.94 38.25
CA GLN A 127 20.37 19.29 38.49
C GLN A 127 21.66 19.47 37.77
N ASP A 128 22.21 20.70 37.84
CA ASP A 128 23.50 21.01 37.29
C ASP A 128 24.20 21.76 38.38
N GLN A 129 25.55 21.86 38.26
CA GLN A 129 26.49 22.47 39.18
C GLN A 129 26.04 23.68 39.96
N SER A 130 26.50 23.78 41.24
CA SER A 130 26.14 24.83 42.14
C SER A 130 26.96 26.09 41.78
N ALA A 137 16.27 21.07 47.40
CA ALA A 137 14.92 21.64 47.22
C ALA A 137 13.86 20.58 47.33
N PRO A 138 12.61 20.92 47.65
CA PRO A 138 11.46 20.02 47.59
C PRO A 138 11.30 19.30 46.27
N VAL A 139 10.56 18.16 46.30
CA VAL A 139 10.27 17.33 45.15
C VAL A 139 9.47 18.11 44.14
N LEU A 140 9.82 17.96 42.84
CA LEU A 140 9.22 18.72 41.78
C LEU A 140 7.96 18.05 41.32
N THR A 141 7.04 18.87 40.78
CA THR A 141 5.76 18.46 40.26
C THR A 141 5.81 18.90 38.83
N HIS A 142 5.33 18.03 37.92
CA HIS A 142 5.34 18.27 36.50
C HIS A 142 3.91 18.22 36.08
N GLN A 143 3.55 19.02 35.06
CA GLN A 143 2.23 19.04 34.50
C GLN A 143 2.40 18.64 33.07
N ILE A 144 1.51 17.75 32.59
CA ILE A 144 1.48 17.32 31.22
C ILE A 144 0.08 17.69 30.83
N MET A 145 -0.10 18.49 29.78
CA MET A 145 -1.40 18.95 29.37
C MET A 145 -1.63 18.48 27.97
N TYR A 146 -2.76 17.80 27.74
CA TYR A 146 -3.21 17.44 26.42
C TYR A 146 -4.14 18.52 26.00
N VAL A 147 -4.00 18.97 24.74
CA VAL A 147 -4.83 19.98 24.15
C VAL A 147 -5.50 19.24 23.02
N PRO A 148 -6.80 18.99 23.00
CA PRO A 148 -7.50 18.42 21.85
C PRO A 148 -7.41 19.37 20.67
N PRO A 149 -7.37 18.94 19.42
CA PRO A 149 -7.17 19.80 18.28
C PRO A 149 -8.27 20.84 18.17
N GLY A 150 -7.88 22.12 17.99
CA GLY A 150 -8.80 23.22 17.86
C GLY A 150 -9.01 23.91 19.18
N GLY A 151 -8.17 23.61 20.19
CA GLY A 151 -8.22 24.24 21.49
C GLY A 151 -7.31 25.44 21.48
N PRO A 152 -7.13 26.09 22.63
CA PRO A 152 -6.18 27.18 22.79
C PRO A 152 -4.86 26.56 23.17
N ILE A 153 -3.73 27.25 22.91
CA ILE A 153 -2.41 26.74 23.21
C ILE A 153 -1.67 27.83 23.92
N PRO A 154 -0.68 27.54 24.75
CA PRO A 154 0.08 28.55 25.45
C PRO A 154 1.21 28.96 24.56
N VAL A 155 1.70 30.21 24.74
CA VAL A 155 2.78 30.78 23.98
C VAL A 155 3.90 31.10 24.92
N SER A 156 3.72 30.83 26.23
CA SER A 156 4.67 31.19 27.24
C SER A 156 4.34 30.34 28.43
N VAL A 157 5.20 30.40 29.46
CA VAL A 157 5.07 29.64 30.68
C VAL A 157 3.80 29.98 31.41
N ASP A 158 3.40 31.28 31.41
CA ASP A 158 2.24 31.73 32.15
C ASP A 158 1.25 32.24 31.16
N ASP A 159 0.06 31.61 31.15
CA ASP A 159 -1.03 31.94 30.27
C ASP A 159 -2.24 31.38 30.95
N TYR A 160 -3.42 31.70 30.40
CA TYR A 160 -4.68 31.19 30.86
C TYR A 160 -5.01 29.95 30.08
N SER A 161 -4.02 29.43 29.32
CA SER A 161 -4.19 28.24 28.54
C SER A 161 -3.68 27.07 29.33
N TRP A 162 -3.14 27.32 30.54
CA TRP A 162 -2.79 26.26 31.46
C TRP A 162 -3.85 26.24 32.52
N GLN A 163 -4.74 27.24 32.55
CA GLN A 163 -5.75 27.38 33.57
C GLN A 163 -7.08 27.01 32.99
N THR A 164 -7.13 26.74 31.65
CA THR A 164 -8.34 26.39 30.94
C THR A 164 -8.86 25.06 31.43
N SER A 165 -10.19 24.90 31.40
CA SER A 165 -10.87 23.83 32.08
C SER A 165 -11.23 22.71 31.16
N THR A 166 -10.92 22.84 29.85
CA THR A 166 -11.40 21.92 28.85
C THR A 166 -10.23 21.20 28.25
N ASN A 167 -9.03 21.33 28.85
CA ASN A 167 -7.85 20.65 28.40
C ASN A 167 -7.48 19.72 29.51
N PRO A 168 -7.53 18.39 29.36
CA PRO A 168 -7.06 17.44 30.35
C PRO A 168 -5.64 17.66 30.74
N SER A 169 -5.28 17.45 32.02
CA SER A 169 -3.94 17.69 32.49
C SER A 169 -3.68 16.73 33.59
N ILE A 170 -2.42 16.30 33.72
CA ILE A 170 -1.98 15.35 34.70
C ILE A 170 -0.94 16.03 35.49
N PHE A 171 -1.12 16.10 36.83
CA PHE A 171 -0.12 16.52 37.75
C PHE A 171 0.47 15.26 38.28
N TRP A 172 1.81 15.21 38.39
CA TRP A 172 2.50 14.01 38.72
C TRP A 172 3.72 14.45 39.45
N THR A 173 4.17 13.66 40.45
CA THR A 173 5.33 13.97 41.23
C THR A 173 6.28 12.82 41.09
N GLU A 174 7.58 13.11 41.20
CA GLU A 174 8.66 12.16 41.09
C GLU A 174 8.60 11.13 42.17
N GLY A 175 9.05 9.91 41.84
CA GLY A 175 9.13 8.81 42.78
C GLY A 175 7.85 8.03 42.77
N ASN A 176 7.10 8.10 41.66
CA ASN A 176 5.85 7.40 41.49
C ASN A 176 5.99 6.70 40.18
N ALA A 177 5.12 5.70 39.93
CA ALA A 177 5.04 5.02 38.66
C ALA A 177 4.63 5.99 37.59
N PRO A 178 5.21 5.97 36.38
CA PRO A 178 5.04 7.00 35.37
C PRO A 178 3.62 7.22 34.97
N ALA A 179 3.25 8.49 34.68
CA ALA A 179 1.94 8.90 34.26
C ALA A 179 1.57 8.34 32.93
N ARG A 180 0.28 8.06 32.71
CA ARG A 180 -0.20 7.67 31.42
C ARG A 180 -1.65 7.94 31.43
N MET A 181 -2.25 8.08 30.24
CA MET A 181 -3.68 8.05 30.09
C MET A 181 -3.88 7.77 28.64
N SER A 182 -5.06 7.22 28.30
CA SER A 182 -5.43 6.91 26.95
C SER A 182 -6.20 8.07 26.41
N ILE A 183 -6.22 8.23 25.07
CA ILE A 183 -6.93 9.26 24.39
C ILE A 183 -7.85 8.48 23.49
N PRO A 184 -9.15 8.70 23.41
CA PRO A 184 -10.03 7.84 22.65
C PRO A 184 -10.04 8.38 21.26
N PHE A 185 -10.59 7.60 20.29
CA PHE A 185 -10.62 7.93 18.88
C PHE A 185 -11.24 9.27 18.64
N ILE A 186 -10.48 10.19 18.02
CA ILE A 186 -10.86 11.56 17.85
C ILE A 186 -10.61 11.90 16.44
N SER A 187 -11.66 12.35 15.74
CA SER A 187 -11.69 12.68 14.34
C SER A 187 -13.15 12.61 14.02
N ILE A 188 -13.60 13.48 13.11
CA ILE A 188 -14.96 13.49 12.63
C ILE A 188 -15.12 12.44 11.56
N GLY A 189 -14.01 12.01 10.92
CA GLY A 189 -13.99 10.90 10.00
C GLY A 189 -14.18 9.62 10.74
N ASN A 190 -14.39 8.50 10.00
CA ASN A 190 -14.68 7.23 10.63
C ASN A 190 -13.43 6.41 10.64
N ALA A 191 -12.33 6.95 10.08
CA ALA A 191 -11.05 6.32 10.19
C ALA A 191 -10.05 7.39 9.91
N TYR A 192 -8.83 7.23 10.45
CA TYR A 192 -7.65 7.96 10.06
C TYR A 192 -7.29 7.55 8.66
N SER A 193 -6.66 8.46 7.89
CA SER A 193 -6.30 8.19 6.53
C SER A 193 -4.82 8.27 6.46
N ASN A 194 -4.17 7.24 5.88
CA ASN A 194 -2.74 7.17 5.80
C ASN A 194 -2.30 7.52 4.42
N PHE A 195 -3.27 7.74 3.52
CA PHE A 195 -3.00 8.19 2.18
C PHE A 195 -4.18 9.01 1.85
N TYR A 196 -3.97 10.12 1.12
CA TYR A 196 -5.03 11.02 0.79
C TYR A 196 -4.61 11.52 -0.54
N ASP A 197 -5.58 11.95 -1.37
CA ASP A 197 -5.30 12.27 -2.73
C ASP A 197 -6.30 13.33 -3.07
N GLY A 198 -6.16 14.52 -2.44
CA GLY A 198 -7.03 15.63 -2.70
C GLY A 198 -6.29 16.88 -2.36
N TRP A 199 -7.02 17.99 -2.19
CA TRP A 199 -6.47 19.28 -1.87
C TRP A 199 -7.31 19.82 -0.77
N SER A 200 -6.75 20.77 0.02
CA SER A 200 -7.44 21.38 1.14
C SER A 200 -8.65 22.18 0.71
N HIS A 201 -8.50 22.96 -0.39
CA HIS A 201 -9.52 23.84 -0.88
C HIS A 201 -10.45 23.09 -1.78
N PHE A 202 -11.63 23.69 -2.03
CA PHE A 202 -12.74 23.10 -2.73
C PHE A 202 -12.50 23.13 -4.21
N SER A 203 -11.53 23.97 -4.64
CA SER A 203 -10.97 23.96 -5.97
C SER A 203 -9.55 23.56 -5.73
N GLN A 204 -8.97 22.77 -6.67
CA GLN A 204 -7.65 22.20 -6.52
C GLN A 204 -6.64 23.31 -6.66
N ALA A 205 -5.94 23.62 -5.55
CA ALA A 205 -5.08 24.77 -5.42
C ALA A 205 -4.71 24.87 -3.97
N GLY A 206 -5.10 23.87 -3.16
CA GLY A 206 -4.84 23.79 -1.75
C GLY A 206 -3.47 23.22 -1.51
N VAL A 207 -3.37 22.32 -0.51
CA VAL A 207 -2.17 21.66 -0.13
C VAL A 207 -2.45 20.24 -0.44
N TYR A 208 -1.50 19.53 -1.10
CA TYR A 208 -1.71 18.20 -1.58
C TYR A 208 -1.35 17.22 -0.51
N GLY A 209 -2.33 16.40 -0.07
CA GLY A 209 -2.16 15.30 0.86
C GLY A 209 -2.00 15.75 2.29
N PHE A 210 -2.53 14.94 3.24
CA PHE A 210 -2.42 15.09 4.69
C PHE A 210 -2.83 16.46 5.17
N THR A 211 -4.07 16.87 4.83
CA THR A 211 -4.53 18.22 5.02
C THR A 211 -5.10 18.35 6.41
N THR A 212 -6.43 18.22 6.56
CA THR A 212 -7.11 18.26 7.83
C THR A 212 -7.32 16.85 8.29
N LEU A 213 -6.87 15.88 7.46
CA LEU A 213 -6.87 14.48 7.78
C LEU A 213 -5.60 14.24 8.54
N ASN A 214 -5.67 13.32 9.52
CA ASN A 214 -4.56 12.94 10.36
C ASN A 214 -4.11 14.11 11.19
N ASN A 215 -5.05 14.71 11.94
CA ASN A 215 -4.80 15.83 12.81
C ASN A 215 -5.27 15.39 14.16
N MET A 216 -4.36 15.41 15.15
CA MET A 216 -4.61 14.99 16.50
C MET A 216 -3.97 16.06 17.33
N GLY A 217 -4.26 16.08 18.64
CA GLY A 217 -3.81 17.10 19.56
C GLY A 217 -2.33 17.11 19.79
N GLN A 218 -1.90 17.79 20.87
CA GLN A 218 -0.50 17.94 21.15
C GLN A 218 -0.37 18.14 22.62
N LEU A 219 0.82 17.80 23.17
CA LEU A 219 1.12 17.84 24.57
C LEU A 219 1.95 19.05 24.85
N PHE A 220 1.97 19.48 26.12
CA PHE A 220 2.78 20.57 26.61
C PHE A 220 3.24 20.13 27.96
N PHE A 221 4.37 20.68 28.43
CA PHE A 221 5.02 20.21 29.62
C PHE A 221 5.59 21.42 30.28
N ARG A 222 5.54 21.48 31.63
CA ARG A 222 6.20 22.52 32.36
C ARG A 222 6.33 22.03 33.76
N HIS A 223 7.20 22.69 34.54
CA HIS A 223 7.27 22.52 35.98
C HIS A 223 6.18 23.33 36.61
N VAL A 224 5.75 22.94 37.82
CA VAL A 224 4.60 23.54 38.47
C VAL A 224 5.09 24.29 39.68
N ASN A 225 6.35 24.06 40.10
CA ASN A 225 6.96 24.74 41.23
C ASN A 225 7.38 26.10 40.79
N LYS A 226 7.53 27.04 41.75
CA LYS A 226 8.19 28.31 41.51
C LYS A 226 9.65 28.10 41.20
N PRO A 227 10.32 28.89 40.37
CA PRO A 227 11.77 28.97 40.26
C PRO A 227 12.44 29.13 41.59
N ASN A 228 13.64 28.55 41.76
CA ASN A 228 14.35 28.58 43.02
C ASN A 228 15.79 28.45 42.60
N PRO A 229 16.79 28.85 43.40
CA PRO A 229 18.20 28.79 43.04
C PRO A 229 18.65 27.41 42.64
N ALA A 230 19.51 27.33 41.59
CA ALA A 230 20.01 26.13 40.97
C ALA A 230 18.98 25.57 40.03
N ALA A 231 19.28 25.62 38.72
CA ALA A 231 18.45 25.09 37.66
C ALA A 231 18.33 23.61 37.73
N ILE A 232 17.14 23.09 37.38
CA ILE A 232 16.84 21.70 37.29
C ILE A 232 16.42 21.53 35.87
N THR A 233 16.91 20.49 35.19
CA THR A 233 16.59 20.22 33.81
C THR A 233 15.99 18.85 33.81
N SER A 234 14.87 18.68 33.09
CA SER A 234 14.14 17.44 33.02
C SER A 234 14.18 16.99 31.60
N VAL A 235 14.12 15.66 31.41
CA VAL A 235 14.08 15.05 30.12
C VAL A 235 12.92 14.12 30.22
N ALA A 236 11.92 14.25 29.32
CA ALA A 236 10.77 13.38 29.33
C ALA A 236 10.77 12.70 28.00
N ARG A 237 10.56 11.38 28.02
CA ARG A 237 10.62 10.51 26.87
C ARG A 237 9.26 9.90 26.78
N ILE A 238 8.73 9.80 25.54
CA ILE A 238 7.34 9.51 25.31
C ILE A 238 7.30 8.16 24.67
N TYR A 239 6.39 7.29 25.16
CA TYR A 239 6.12 5.98 24.65
C TYR A 239 4.70 5.99 24.21
N PHE A 240 4.39 5.23 23.15
CA PHE A 240 3.14 5.34 22.45
C PHE A 240 2.84 3.96 21.99
N LYS A 241 1.55 3.55 22.06
CA LYS A 241 1.10 2.32 21.48
C LYS A 241 -0.33 2.53 21.12
N PRO A 242 -0.86 1.97 20.04
CA PRO A 242 -2.28 2.00 19.76
C PRO A 242 -2.88 0.78 20.41
N LYS A 243 -4.22 0.72 20.51
CA LYS A 243 -4.90 -0.44 21.01
C LYS A 243 -6.25 -0.44 20.37
N HIS A 244 -6.79 -1.66 20.12
CA HIS A 244 -8.08 -1.91 19.53
C HIS A 244 -8.09 -1.52 18.08
N VAL A 245 -7.00 -1.85 17.36
CA VAL A 245 -6.82 -1.56 15.96
C VAL A 245 -7.83 -2.28 15.11
N ARG A 246 -8.21 -1.67 13.97
CA ARG A 246 -9.00 -2.28 12.96
C ARG A 246 -8.44 -1.70 11.71
N ALA A 247 -8.19 -2.55 10.69
CA ALA A 247 -7.52 -2.13 9.48
C ALA A 247 -8.43 -2.44 8.34
N TRP A 248 -8.37 -1.62 7.27
CA TRP A 248 -9.22 -1.81 6.14
C TRP A 248 -8.34 -1.45 4.99
N VAL A 249 -8.30 -2.32 3.95
CA VAL A 249 -7.63 -2.12 2.68
C VAL A 249 -6.13 -2.19 2.82
N PRO A 250 -5.41 -3.17 2.31
CA PRO A 250 -3.98 -3.28 2.51
C PRO A 250 -3.28 -2.55 1.40
N ARG A 251 -1.93 -2.41 1.51
CA ARG A 251 -1.08 -1.64 0.64
C ARG A 251 0.13 -2.49 0.44
N PRO A 252 0.97 -2.27 -0.56
CA PRO A 252 2.23 -2.97 -0.69
C PRO A 252 3.24 -2.23 0.16
N PRO A 253 4.17 -2.83 0.87
CA PRO A 253 5.19 -2.17 1.69
C PRO A 253 5.99 -1.12 0.98
N ARG A 254 6.39 -0.05 1.71
CA ARG A 254 7.26 1.01 1.24
C ARG A 254 8.62 0.46 0.91
N LEU A 255 9.27 0.97 -0.17
CA LEU A 255 10.47 0.41 -0.69
C LEU A 255 11.59 1.42 -0.68
N CYS A 256 11.27 2.73 -0.55
CA CYS A 256 12.25 3.78 -0.70
C CYS A 256 12.33 4.51 0.60
N PRO A 257 13.48 4.93 1.09
CA PRO A 257 13.62 5.62 2.35
C PRO A 257 12.84 6.89 2.39
N TYR A 258 12.20 7.21 3.55
CA TYR A 258 11.42 8.39 3.76
C TYR A 258 12.28 9.63 3.70
N ILE A 259 11.71 10.73 3.19
CA ILE A 259 12.42 11.96 3.01
C ILE A 259 11.72 12.95 3.90
N ASN A 260 10.58 13.52 3.45
CA ASN A 260 9.82 14.48 4.21
C ASN A 260 8.95 13.73 5.16
N SER A 261 8.36 14.45 6.14
CA SER A 261 7.57 13.87 7.19
C SER A 261 6.13 14.25 6.94
N THR A 262 5.78 14.64 5.69
CA THR A 262 4.48 15.19 5.42
C THR A 262 4.17 14.91 3.97
N ASN A 263 5.07 14.21 3.25
CA ASN A 263 4.87 13.91 1.86
C ASN A 263 5.31 12.51 1.68
N VAL A 264 4.91 11.92 0.54
CA VAL A 264 5.22 10.56 0.20
C VAL A 264 6.40 10.60 -0.74
N ASN A 265 7.08 11.77 -0.87
CA ASN A 265 8.19 12.01 -1.75
C ASN A 265 9.31 11.05 -1.52
N PHE A 266 9.98 10.64 -2.62
CA PHE A 266 10.88 9.54 -2.57
C PHE A 266 11.87 9.77 -3.67
N GLU A 267 12.98 9.03 -3.60
CA GLU A 267 14.03 9.08 -4.57
C GLU A 267 14.03 7.70 -5.16
N PRO A 268 14.05 7.48 -6.47
CA PRO A 268 14.07 6.16 -7.10
C PRO A 268 15.16 5.25 -6.59
N LYS A 269 14.90 3.92 -6.51
CA LYS A 269 15.84 2.97 -5.97
C LYS A 269 15.72 1.70 -6.76
N PRO A 270 16.76 0.89 -6.92
CA PRO A 270 16.70 -0.47 -7.41
C PRO A 270 15.70 -1.33 -6.71
N VAL A 271 15.02 -2.23 -7.46
CA VAL A 271 14.08 -3.19 -6.90
C VAL A 271 14.73 -4.21 -6.01
N THR A 272 15.91 -4.75 -6.40
CA THR A 272 16.48 -5.90 -5.73
C THR A 272 17.96 -5.87 -5.90
N GLU A 273 18.67 -6.68 -5.08
CA GLU A 273 20.09 -6.91 -5.12
C GLU A 273 20.48 -7.64 -6.38
N VAL A 274 21.70 -7.38 -6.87
CA VAL A 274 22.32 -8.10 -7.96
C VAL A 274 22.62 -9.53 -7.59
N ARG A 275 22.64 -10.41 -8.61
CA ARG A 275 23.06 -11.78 -8.49
C ARG A 275 24.19 -11.90 -9.46
N THR A 276 25.00 -12.98 -9.30
CA THR A 276 26.18 -13.21 -10.09
C THR A 276 25.86 -13.76 -11.45
N ASN A 277 24.63 -14.26 -11.64
CA ASN A 277 24.15 -14.87 -12.86
C ASN A 277 22.90 -15.59 -12.44
N ILE A 278 21.94 -15.71 -13.36
CA ILE A 278 20.63 -16.22 -13.07
C ILE A 278 20.62 -17.72 -13.03
N ILE A 279 21.56 -18.38 -13.74
CA ILE A 279 21.63 -19.82 -13.76
C ILE A 279 22.35 -20.29 -12.55
N THR A 280 22.02 -21.51 -12.10
CA THR A 280 22.62 -22.14 -10.95
C THR A 280 23.79 -22.99 -11.47
N ARG B 5 -19.32 -16.78 -30.22
CA ARG B 5 -20.25 -16.77 -29.07
C ARG B 5 -19.98 -15.56 -28.22
N VAL B 6 -20.89 -14.57 -28.28
CA VAL B 6 -20.74 -13.29 -27.63
C VAL B 6 -22.13 -12.89 -27.23
N ARG B 7 -22.23 -11.91 -26.31
CA ARG B 7 -23.48 -11.27 -26.02
C ARG B 7 -23.11 -9.83 -25.92
N SER B 8 -24.12 -8.94 -26.03
CA SER B 8 -23.92 -7.52 -26.01
C SER B 8 -24.71 -6.97 -24.87
N ILE B 9 -24.01 -6.47 -23.84
CA ILE B 9 -24.55 -5.74 -22.73
C ILE B 9 -25.01 -4.39 -23.23
N THR B 10 -26.08 -3.84 -22.64
CA THR B 10 -26.59 -2.56 -23.02
C THR B 10 -27.11 -1.95 -21.75
N LEU B 11 -26.84 -0.64 -21.54
CA LEU B 11 -27.26 0.07 -20.35
C LEU B 11 -28.19 1.16 -20.75
N GLY B 12 -28.68 1.13 -22.00
CA GLY B 12 -29.68 2.04 -22.50
C GLY B 12 -29.02 3.31 -22.90
N ASN B 13 -29.15 3.63 -24.21
CA ASN B 13 -28.57 4.77 -24.88
C ASN B 13 -27.13 4.48 -25.20
N SER B 14 -26.68 3.23 -24.99
CA SER B 14 -25.33 2.83 -25.28
C SER B 14 -25.34 1.34 -25.28
N THR B 15 -24.40 0.72 -26.02
CA THR B 15 -24.33 -0.72 -26.16
C THR B 15 -22.88 -0.99 -26.40
N ILE B 16 -22.35 -2.13 -25.91
CA ILE B 16 -21.02 -2.54 -26.23
C ILE B 16 -21.07 -4.04 -26.29
N THR B 17 -20.33 -4.62 -27.25
CA THR B 17 -20.29 -6.04 -27.49
C THR B 17 -19.09 -6.53 -26.74
N THR B 18 -19.23 -7.66 -26.01
CA THR B 18 -18.15 -8.18 -25.21
C THR B 18 -18.06 -9.65 -25.52
N GLN B 19 -16.86 -10.23 -25.29
CA GLN B 19 -16.63 -11.65 -25.32
C GLN B 19 -17.46 -12.29 -24.24
N GLU B 20 -18.03 -13.49 -24.50
CA GLU B 20 -18.95 -14.16 -23.61
C GLU B 20 -18.37 -14.47 -22.26
N CYS B 21 -17.11 -14.97 -22.24
CA CYS B 21 -16.44 -15.35 -21.04
C CYS B 21 -15.21 -14.51 -20.98
N ALA B 22 -14.94 -13.91 -19.81
CA ALA B 22 -13.75 -13.13 -19.63
C ALA B 22 -13.56 -12.91 -18.16
N ASN B 23 -14.56 -13.28 -17.33
CA ASN B 23 -14.55 -13.16 -15.88
C ASN B 23 -14.71 -11.73 -15.45
N VAL B 24 -15.28 -11.54 -14.25
CA VAL B 24 -15.37 -10.25 -13.63
C VAL B 24 -14.64 -10.44 -12.35
N VAL B 25 -13.92 -9.38 -11.91
CA VAL B 25 -13.21 -9.41 -10.67
C VAL B 25 -13.86 -8.32 -9.90
N VAL B 26 -14.55 -8.70 -8.81
CA VAL B 26 -15.25 -7.77 -7.98
C VAL B 26 -14.27 -7.40 -6.94
N GLY B 27 -13.98 -6.09 -6.79
CA GLY B 27 -12.97 -5.58 -5.91
C GLY B 27 -13.44 -5.66 -4.50
N TYR B 28 -12.84 -6.61 -3.74
CA TYR B 28 -13.10 -6.85 -2.34
C TYR B 28 -14.40 -7.58 -2.16
N GLY B 29 -14.97 -8.11 -3.25
CA GLY B 29 -16.11 -8.99 -3.24
C GLY B 29 -17.39 -8.33 -2.82
N GLU B 30 -17.61 -7.06 -3.21
CA GLU B 30 -18.81 -6.36 -2.87
C GLU B 30 -19.18 -5.52 -4.04
N TRP B 31 -20.47 -5.55 -4.41
CA TRP B 31 -21.01 -4.80 -5.52
C TRP B 31 -21.36 -3.42 -5.03
N PRO B 32 -21.34 -2.38 -5.85
CA PRO B 32 -21.97 -1.09 -5.62
C PRO B 32 -23.36 -1.15 -5.02
N GLU B 33 -23.67 -0.26 -4.07
CA GLU B 33 -24.93 -0.29 -3.36
C GLU B 33 -25.36 1.14 -3.20
N TYR B 34 -26.65 1.32 -2.84
CA TYR B 34 -27.15 2.56 -2.31
C TYR B 34 -27.08 2.38 -0.82
N LEU B 35 -26.59 3.39 -0.08
CA LEU B 35 -26.57 3.38 1.37
C LEU B 35 -27.96 3.33 1.93
N SER B 36 -28.13 2.64 3.08
CA SER B 36 -29.44 2.39 3.64
C SER B 36 -29.51 2.91 5.05
N ASP B 37 -28.49 3.69 5.50
CA ASP B 37 -28.45 4.28 6.83
C ASP B 37 -29.58 5.26 7.04
N ASN B 38 -30.12 5.27 8.28
CA ASN B 38 -31.14 6.18 8.71
C ASN B 38 -30.45 7.26 9.49
N GLU B 39 -31.20 8.36 9.75
CA GLU B 39 -30.77 9.63 10.31
C GLU B 39 -30.44 10.51 9.14
N ALA B 40 -31.18 10.28 8.04
CA ALA B 40 -31.18 11.05 6.84
C ALA B 40 -32.49 11.77 6.80
N THR B 41 -33.12 11.95 7.98
CA THR B 41 -34.32 12.72 8.15
C THR B 41 -33.97 14.19 8.15
N ALA B 42 -32.69 14.52 8.47
CA ALA B 42 -32.21 15.86 8.55
C ALA B 42 -31.19 16.09 7.46
N GLU B 43 -31.06 15.14 6.51
CA GLU B 43 -30.14 15.28 5.43
C GLU B 43 -30.47 14.26 4.39
N ASP B 44 -31.74 14.29 3.92
CA ASP B 44 -32.27 13.45 2.87
C ASP B 44 -31.55 13.68 1.58
N GLN B 45 -31.35 12.61 0.77
CA GLN B 45 -30.53 12.67 -0.41
C GLN B 45 -31.17 11.79 -1.46
N PRO B 46 -31.33 12.22 -2.72
CA PRO B 46 -32.00 11.43 -3.74
C PRO B 46 -30.97 10.63 -4.46
N THR B 47 -31.43 9.54 -5.10
CA THR B 47 -30.61 8.67 -5.88
C THR B 47 -30.42 9.32 -7.25
N VAL B 51 -31.49 6.63 -11.29
CA VAL B 51 -30.83 7.83 -11.87
C VAL B 51 -30.42 7.50 -13.27
N ALA B 52 -30.27 8.54 -14.12
CA ALA B 52 -30.14 8.37 -15.53
C ALA B 52 -28.69 8.33 -15.94
N THR B 53 -27.76 8.46 -14.96
CA THR B 53 -26.36 8.28 -15.21
C THR B 53 -26.07 6.87 -14.85
N CYS B 54 -25.92 6.01 -15.87
CA CYS B 54 -25.68 4.61 -15.73
C CYS B 54 -25.65 4.21 -17.15
N ARG B 55 -24.58 4.60 -17.86
CA ARG B 55 -24.44 4.37 -19.26
C ARG B 55 -22.98 4.36 -19.48
N PHE B 56 -22.52 3.68 -20.54
CA PHE B 56 -21.13 3.63 -20.94
C PHE B 56 -20.64 4.97 -21.37
N TYR B 57 -19.37 5.29 -21.04
CA TYR B 57 -18.67 6.44 -21.54
C TYR B 57 -17.39 5.87 -22.01
N THR B 58 -17.02 6.13 -23.27
CA THR B 58 -15.86 5.54 -23.88
C THR B 58 -14.87 6.65 -24.02
N LEU B 59 -13.69 6.47 -23.39
CA LEU B 59 -12.61 7.42 -23.41
C LEU B 59 -11.82 7.13 -24.65
N ASP B 60 -11.00 8.12 -25.09
CA ASP B 60 -10.18 8.02 -26.27
C ASP B 60 -9.16 6.91 -26.14
N SER B 61 -9.00 6.11 -27.22
CA SER B 61 -8.05 5.03 -27.33
C SER B 61 -6.64 5.54 -27.35
N VAL B 62 -5.69 4.73 -26.81
CA VAL B 62 -4.29 5.06 -26.79
C VAL B 62 -3.58 3.95 -27.50
N GLN B 63 -2.50 4.30 -28.24
CA GLN B 63 -1.59 3.38 -28.88
C GLN B 63 -0.86 2.59 -27.83
N TRP B 64 -0.53 1.33 -28.13
CA TRP B 64 0.44 0.57 -27.40
C TRP B 64 1.41 0.20 -28.46
N GLU B 65 2.69 0.53 -28.24
CA GLU B 65 3.74 0.27 -29.19
C GLU B 65 4.87 -0.21 -28.36
N ASN B 66 5.87 -0.85 -29.00
CA ASN B 66 7.00 -1.47 -28.36
C ASN B 66 7.86 -0.42 -27.69
N GLY B 67 7.91 -0.46 -26.34
CA GLY B 67 8.77 0.41 -25.57
C GLY B 67 7.99 1.54 -24.97
N SER B 68 6.63 1.43 -24.93
CA SER B 68 5.80 2.42 -24.32
C SER B 68 5.76 2.08 -22.84
N PRO B 69 5.68 3.00 -21.89
CA PRO B 69 6.04 2.66 -20.52
C PRO B 69 4.81 2.49 -19.68
N GLY B 70 3.64 3.07 -20.03
CA GLY B 70 2.44 2.90 -19.24
C GLY B 70 1.60 4.13 -19.30
N TRP B 71 0.44 4.09 -18.61
CA TRP B 71 -0.56 5.14 -18.66
C TRP B 71 -1.28 5.11 -17.35
N TRP B 72 -2.01 6.19 -17.01
CA TRP B 72 -2.87 6.20 -15.85
C TRP B 72 -3.85 7.32 -15.98
N TRP B 73 -5.02 7.19 -15.30
CA TRP B 73 -6.08 8.19 -15.27
C TRP B 73 -6.52 8.21 -13.85
N LYS B 74 -7.17 9.31 -13.42
CA LYS B 74 -7.69 9.40 -12.07
C LYS B 74 -9.14 9.71 -12.12
N PHE B 75 -9.94 8.89 -11.43
CA PHE B 75 -11.37 9.02 -11.33
C PHE B 75 -11.66 9.70 -10.03
N PRO B 76 -12.82 10.31 -9.82
CA PRO B 76 -13.84 10.60 -10.82
C PRO B 76 -13.50 11.81 -11.66
N ASP B 77 -12.23 12.26 -11.72
CA ASP B 77 -11.91 13.52 -12.36
C ASP B 77 -11.46 13.29 -13.78
N ALA B 78 -11.75 12.10 -14.33
CA ALA B 78 -11.46 11.79 -15.71
C ALA B 78 -12.76 11.79 -16.46
N LEU B 79 -13.89 11.94 -15.75
CA LEU B 79 -15.21 11.90 -16.34
C LEU B 79 -15.84 13.23 -16.12
N ARG B 80 -15.03 14.28 -15.85
CA ARG B 80 -15.52 15.57 -15.44
C ARG B 80 -16.11 16.35 -16.58
N ASP B 81 -15.85 15.94 -17.83
CA ASP B 81 -16.35 16.62 -19.00
C ASP B 81 -17.38 15.77 -19.67
N MET B 82 -17.68 14.57 -19.13
CA MET B 82 -18.55 13.64 -19.78
C MET B 82 -19.96 13.91 -19.37
N GLY B 83 -20.82 14.23 -20.36
CA GLY B 83 -22.27 14.24 -20.31
C GLY B 83 -22.90 14.78 -19.06
N LEU B 84 -23.96 14.08 -18.60
CA LEU B 84 -24.79 14.44 -17.48
C LEU B 84 -24.09 14.17 -16.19
N PHE B 85 -23.08 13.27 -16.19
CA PHE B 85 -22.37 12.87 -15.02
C PHE B 85 -21.44 13.97 -14.58
N GLY B 86 -21.04 14.85 -15.52
CA GLY B 86 -20.16 15.96 -15.26
C GLY B 86 -20.92 17.11 -14.71
N GLN B 87 -22.25 17.15 -14.94
CA GLN B 87 -23.11 18.18 -14.44
C GLN B 87 -23.43 17.97 -13.00
N ASN B 88 -23.29 16.72 -12.51
CA ASN B 88 -23.71 16.36 -11.18
C ASN B 88 -22.54 16.44 -10.26
N MET B 89 -21.38 16.91 -10.74
CA MET B 89 -20.27 17.22 -9.89
C MET B 89 -20.31 18.69 -9.62
N TYR B 90 -21.32 19.39 -10.19
CA TYR B 90 -21.32 20.83 -10.24
C TYR B 90 -22.63 21.33 -9.71
N TYR B 91 -23.63 20.45 -9.52
CA TYR B 91 -24.91 20.82 -8.97
C TYR B 91 -25.12 20.06 -7.71
N HIS B 92 -24.06 19.44 -7.17
CA HIS B 92 -24.17 18.71 -5.94
C HIS B 92 -22.85 18.87 -5.30
N TYR B 93 -22.87 18.89 -3.95
CA TYR B 93 -21.71 19.24 -3.17
C TYR B 93 -21.10 17.97 -2.66
N LEU B 94 -21.81 16.83 -2.79
CA LEU B 94 -21.38 15.57 -2.23
C LEU B 94 -21.90 14.54 -3.18
N GLY B 95 -21.19 13.39 -3.29
CA GLY B 95 -21.66 12.33 -4.14
C GLY B 95 -20.95 11.08 -3.75
N ARG B 96 -21.33 9.95 -4.40
CA ARG B 96 -20.69 8.68 -4.28
C ARG B 96 -21.13 7.90 -5.47
N ALA B 97 -20.41 6.81 -5.81
CA ALA B 97 -20.70 6.07 -7.02
C ALA B 97 -19.63 5.03 -7.17
N GLY B 98 -20.05 3.78 -7.49
CA GLY B 98 -19.20 2.69 -7.89
C GLY B 98 -18.99 2.76 -9.37
N TYR B 99 -18.26 1.79 -9.95
CA TYR B 99 -17.89 1.82 -11.35
C TYR B 99 -17.76 0.43 -11.86
N THR B 100 -17.93 0.29 -13.18
CA THR B 100 -17.71 -0.92 -13.93
C THR B 100 -16.78 -0.46 -15.00
N ILE B 101 -15.65 -1.15 -15.17
CA ILE B 101 -14.62 -0.73 -16.09
C ILE B 101 -14.31 -1.92 -16.92
N HIS B 102 -14.41 -1.78 -18.26
CA HIS B 102 -14.02 -2.79 -19.20
C HIS B 102 -12.84 -2.23 -19.89
N VAL B 103 -11.74 -2.98 -19.92
CA VAL B 103 -10.53 -2.63 -20.63
C VAL B 103 -10.39 -3.75 -21.60
N GLN B 104 -10.17 -3.44 -22.88
CA GLN B 104 -10.07 -4.47 -23.88
C GLN B 104 -9.31 -3.89 -25.02
N CYS B 105 -8.89 -4.76 -25.95
CA CYS B 105 -8.01 -4.34 -27.01
C CYS B 105 -8.11 -5.35 -28.10
N ASN B 106 -7.64 -4.96 -29.30
CA ASN B 106 -7.53 -5.79 -30.45
C ASN B 106 -6.21 -6.48 -30.36
N ALA B 107 -5.89 -7.35 -31.36
CA ALA B 107 -4.63 -8.06 -31.47
C ALA B 107 -4.87 -9.21 -32.38
N SER B 108 -3.79 -9.64 -33.08
CA SER B 108 -3.78 -10.79 -33.94
C SER B 108 -3.41 -11.98 -33.09
N LYS B 109 -2.77 -13.02 -33.70
CA LYS B 109 -2.23 -14.13 -32.98
C LYS B 109 -0.75 -14.14 -33.17
N PHE B 110 -0.21 -13.09 -33.80
CA PHE B 110 1.19 -12.98 -34.09
C PHE B 110 1.80 -11.97 -33.18
N HIS B 111 0.99 -11.32 -32.32
CA HIS B 111 1.48 -10.39 -31.34
C HIS B 111 1.77 -11.13 -30.08
N GLN B 112 2.38 -10.45 -29.10
CA GLN B 112 2.78 -11.07 -27.86
C GLN B 112 2.94 -9.97 -26.87
N GLY B 113 3.04 -10.34 -25.57
CA GLY B 113 3.25 -9.42 -24.49
C GLY B 113 2.05 -9.47 -23.61
N CYS B 114 2.18 -8.92 -22.39
CA CYS B 114 1.09 -8.92 -21.44
C CYS B 114 1.23 -7.66 -20.66
N ILE B 115 0.09 -7.16 -20.15
CA ILE B 115 -0.02 -5.92 -19.45
C ILE B 115 -0.78 -6.24 -18.21
N LEU B 116 -0.71 -5.34 -17.22
CA LEU B 116 -1.35 -5.49 -15.95
C LEU B 116 -2.32 -4.37 -15.90
N VAL B 117 -3.52 -4.63 -15.36
CA VAL B 117 -4.56 -3.65 -15.20
C VAL B 117 -4.80 -3.69 -13.73
N VAL B 118 -4.88 -2.51 -13.07
CA VAL B 118 -5.00 -2.47 -11.63
C VAL B 118 -5.71 -1.20 -11.31
N CYS B 119 -6.48 -1.17 -10.22
CA CYS B 119 -7.13 0.02 -9.71
C CYS B 119 -6.62 0.16 -8.33
N VAL B 120 -6.04 1.32 -8.00
CA VAL B 120 -5.37 1.51 -6.75
C VAL B 120 -6.20 2.53 -6.02
N PRO B 121 -6.94 2.23 -4.96
CA PRO B 121 -7.60 3.23 -4.15
C PRO B 121 -6.59 4.07 -3.43
N GLU B 122 -6.77 5.41 -3.46
CA GLU B 122 -5.97 6.38 -2.74
C GLU B 122 -4.52 6.31 -3.14
N ALA B 123 -4.23 6.37 -4.45
CA ALA B 123 -2.87 6.40 -4.92
C ALA B 123 -2.38 7.81 -4.78
N GLU B 124 -1.29 8.00 -4.01
CA GLU B 124 -0.78 9.31 -3.71
C GLU B 124 0.55 9.37 -4.38
N MET B 125 0.74 10.38 -5.26
CA MET B 125 1.89 10.51 -6.10
C MET B 125 2.98 11.25 -5.40
N GLY B 126 4.24 11.02 -5.81
CA GLY B 126 5.42 11.71 -5.34
C GLY B 126 5.53 13.06 -5.98
N SER B 127 6.76 13.60 -6.04
CA SER B 127 7.01 14.86 -6.69
C SER B 127 8.39 14.71 -7.25
N ALA B 128 8.63 15.31 -8.44
CA ALA B 128 9.82 15.10 -9.25
C ALA B 128 11.09 15.46 -8.54
N GLN B 129 11.10 16.62 -7.85
CA GLN B 129 12.16 16.99 -6.93
C GLN B 129 11.63 16.65 -5.58
N THR B 130 12.55 16.43 -4.62
CA THR B 130 12.25 15.75 -3.38
C THR B 130 11.98 16.75 -2.29
N SER B 131 11.44 17.94 -2.65
CA SER B 131 11.17 18.96 -1.68
C SER B 131 10.14 19.88 -2.27
N GLY B 132 9.74 19.65 -3.54
CA GLY B 132 8.66 20.36 -4.20
C GLY B 132 7.35 19.81 -3.77
N VAL B 133 6.26 20.32 -4.37
CA VAL B 133 4.93 19.82 -4.12
C VAL B 133 4.32 19.86 -5.48
N VAL B 134 3.72 18.73 -5.91
CA VAL B 134 3.03 18.57 -7.18
C VAL B 134 1.78 19.42 -7.21
N ASN B 135 1.44 19.98 -8.40
CA ASN B 135 0.27 20.82 -8.60
C ASN B 135 -0.70 20.06 -9.44
N TYR B 136 -1.94 20.59 -9.58
CA TYR B 136 -3.07 19.94 -10.20
C TYR B 136 -2.84 19.54 -11.64
N GLU B 137 -2.15 20.40 -12.42
CA GLU B 137 -2.08 20.22 -13.85
C GLU B 137 -1.13 19.10 -14.22
N HIS B 138 -0.24 18.68 -13.30
CA HIS B 138 0.74 17.68 -13.58
C HIS B 138 0.31 16.34 -13.05
N ILE B 139 -0.83 16.28 -12.31
CA ILE B 139 -1.26 15.05 -11.69
C ILE B 139 -2.60 14.67 -12.26
N SER B 140 -3.04 15.38 -13.32
CA SER B 140 -4.31 15.11 -13.93
C SER B 140 -4.16 15.66 -15.31
N LYS B 141 -5.05 15.24 -16.23
CA LYS B 141 -4.93 15.64 -17.61
C LYS B 141 -6.31 15.46 -18.16
N GLY B 142 -7.34 15.45 -17.29
CA GLY B 142 -8.73 15.28 -17.67
C GLY B 142 -8.97 13.88 -18.14
N GLU B 143 -9.62 13.75 -19.31
CA GLU B 143 -10.03 12.48 -19.86
C GLU B 143 -8.97 11.97 -20.78
N ILE B 144 -7.84 12.71 -20.89
CA ILE B 144 -6.69 12.33 -21.68
C ILE B 144 -5.85 11.54 -20.73
N ALA B 145 -5.24 10.43 -21.20
CA ALA B 145 -4.33 9.65 -20.40
C ALA B 145 -3.10 10.42 -20.05
N SER B 146 -2.65 10.27 -18.79
CA SER B 146 -1.35 10.68 -18.35
C SER B 146 -0.47 9.50 -18.62
N ARG B 147 0.86 9.61 -18.38
CA ARG B 147 1.72 8.49 -18.67
C ARG B 147 2.86 8.50 -17.74
N PHE B 148 3.41 7.29 -17.49
CA PHE B 148 4.65 7.09 -16.78
C PHE B 148 5.76 7.33 -17.75
N THR B 149 7.00 7.35 -17.27
CA THR B 149 8.16 7.48 -18.09
C THR B 149 9.22 6.68 -17.41
N THR B 150 10.05 6.00 -18.22
CA THR B 150 11.28 5.40 -17.77
C THR B 150 12.31 6.48 -17.87
N THR B 151 13.37 6.38 -17.04
CA THR B 151 14.46 7.33 -16.94
C THR B 151 14.02 8.51 -16.15
N THR B 152 14.64 8.70 -14.97
CA THR B 152 14.39 9.80 -14.05
C THR B 152 14.74 11.10 -14.71
N THR B 153 13.85 12.11 -14.56
CA THR B 153 14.05 13.41 -15.12
C THR B 153 13.29 14.33 -14.21
N ALA B 154 13.76 15.58 -14.11
CA ALA B 154 13.16 16.60 -13.29
C ALA B 154 12.03 17.25 -14.03
N GLU B 155 11.21 18.00 -13.29
CA GLU B 155 10.11 18.74 -13.85
C GLU B 155 9.88 19.79 -12.81
N ASP B 156 9.25 20.93 -13.21
CA ASP B 156 8.96 22.05 -12.34
C ASP B 156 8.06 21.66 -11.20
N HIS B 157 7.07 20.78 -11.47
CA HIS B 157 6.26 20.16 -10.47
C HIS B 157 6.45 18.71 -10.77
N GLY B 158 5.57 18.12 -11.59
CA GLY B 158 5.67 16.77 -12.08
C GLY B 158 5.50 15.71 -11.04
N VAL B 159 5.12 14.52 -11.50
CA VAL B 159 5.06 13.32 -10.72
C VAL B 159 6.39 12.69 -10.95
N GLN B 160 6.97 12.04 -9.90
CA GLN B 160 8.16 11.26 -10.05
C GLN B 160 7.78 9.92 -10.61
N ALA B 161 7.56 9.85 -11.94
CA ALA B 161 7.22 8.64 -12.62
C ALA B 161 8.49 7.90 -12.85
N ALA B 162 8.42 6.55 -12.84
CA ALA B 162 9.62 5.79 -13.02
C ALA B 162 9.26 4.42 -13.47
N VAL B 163 7.98 4.03 -13.34
CA VAL B 163 7.42 2.75 -13.72
C VAL B 163 7.73 1.76 -12.63
N TRP B 164 9.02 1.60 -12.30
CA TRP B 164 9.53 0.58 -11.41
C TRP B 164 9.57 1.09 -10.00
N ASN B 165 8.76 2.12 -9.71
CA ASN B 165 8.45 2.53 -8.37
C ASN B 165 6.99 2.89 -8.36
N ALA B 166 6.42 3.13 -9.56
CA ALA B 166 5.02 3.29 -9.80
C ALA B 166 4.52 4.62 -9.32
N GLY B 167 5.44 5.55 -9.01
CA GLY B 167 5.10 6.89 -8.58
C GLY B 167 4.63 6.90 -7.16
N MET B 168 5.07 5.92 -6.33
CA MET B 168 4.61 5.84 -4.97
C MET B 168 5.70 5.23 -4.15
N GLY B 169 6.85 4.88 -4.77
CA GLY B 169 8.00 4.37 -4.06
C GLY B 169 7.76 3.00 -3.50
N VAL B 170 7.05 2.13 -4.24
CA VAL B 170 6.78 0.78 -3.83
C VAL B 170 7.21 -0.06 -5.00
N GLY B 171 7.44 -1.37 -4.77
CA GLY B 171 7.76 -2.30 -5.84
C GLY B 171 6.61 -2.39 -6.80
N VAL B 172 6.89 -2.43 -8.12
CA VAL B 172 5.87 -2.42 -9.14
C VAL B 172 5.34 -3.82 -9.29
N GLY B 173 6.08 -4.82 -8.78
CA GLY B 173 5.72 -6.21 -8.86
C GLY B 173 4.74 -6.59 -7.80
N ASN B 174 4.47 -5.67 -6.84
CA ASN B 174 3.66 -5.97 -5.69
C ASN B 174 2.39 -5.21 -5.78
N LEU B 175 1.97 -4.75 -6.99
CA LEU B 175 0.78 -3.96 -7.12
C LEU B 175 -0.39 -4.86 -7.35
N THR B 176 -0.20 -6.18 -7.27
CA THR B 176 -1.24 -7.14 -7.54
C THR B 176 -1.97 -7.44 -6.26
N ILE B 177 -1.72 -6.65 -5.19
CA ILE B 177 -2.45 -6.74 -3.96
C ILE B 177 -3.79 -6.07 -4.09
N PHE B 178 -3.90 -5.09 -5.02
CA PHE B 178 -5.12 -4.36 -5.26
C PHE B 178 -5.90 -5.14 -6.29
N PRO B 179 -7.18 -4.90 -6.54
CA PRO B 179 -7.96 -5.56 -7.59
C PRO B 179 -7.29 -5.46 -8.94
N HIS B 180 -7.13 -6.58 -9.67
CA HIS B 180 -6.28 -6.54 -10.82
C HIS B 180 -6.66 -7.66 -11.72
N GLN B 181 -6.27 -7.52 -13.00
CA GLN B 181 -6.45 -8.51 -14.01
C GLN B 181 -5.28 -8.41 -14.91
N TRP B 182 -4.79 -9.57 -15.40
CA TRP B 182 -3.77 -9.62 -16.40
C TRP B 182 -4.48 -9.78 -17.70
N ILE B 183 -4.01 -9.07 -18.74
CA ILE B 183 -4.48 -9.26 -20.08
C ILE B 183 -3.25 -9.72 -20.76
N ASN B 184 -3.23 -11.01 -21.15
CA ASN B 184 -2.07 -11.64 -21.71
C ASN B 184 -2.52 -12.11 -23.05
N LEU B 185 -1.91 -11.57 -24.13
CA LEU B 185 -2.19 -11.96 -25.48
C LEU B 185 -1.77 -13.38 -25.67
N ARG B 186 -2.67 -14.18 -26.29
CA ARG B 186 -2.60 -15.57 -26.62
C ARG B 186 -3.64 -16.26 -25.80
N THR B 187 -4.48 -15.50 -25.06
CA THR B 187 -5.54 -16.07 -24.26
C THR B 187 -6.57 -15.00 -24.16
N ASN B 188 -6.27 -13.96 -23.36
CA ASN B 188 -7.19 -12.89 -23.06
C ASN B 188 -6.99 -11.80 -24.06
N ASN B 189 -7.86 -10.80 -24.00
CA ASN B 189 -7.76 -9.61 -24.78
C ASN B 189 -8.71 -8.64 -24.13
N SER B 190 -9.17 -8.95 -22.90
CA SER B 190 -10.15 -8.16 -22.21
C SER B 190 -10.06 -8.45 -20.75
N ALA B 191 -10.64 -7.57 -19.92
CA ALA B 191 -10.64 -7.68 -18.49
C ALA B 191 -11.78 -6.86 -18.01
N THR B 192 -12.25 -7.13 -16.77
CA THR B 192 -13.35 -6.39 -16.20
C THR B 192 -13.06 -6.29 -14.73
N ILE B 193 -13.17 -5.07 -14.18
CA ILE B 193 -13.01 -4.81 -12.78
C ILE B 193 -14.23 -4.03 -12.44
N VAL B 194 -14.93 -4.41 -11.35
CA VAL B 194 -16.05 -3.69 -10.81
C VAL B 194 -15.54 -3.25 -9.48
N MET B 195 -15.59 -1.93 -9.24
CA MET B 195 -14.88 -1.31 -8.15
C MET B 195 -15.92 -0.61 -7.32
N PRO B 196 -16.12 -0.88 -6.04
CA PRO B 196 -17.15 -0.24 -5.25
C PRO B 196 -16.56 0.99 -4.65
N TYR B 197 -17.41 1.83 -4.04
CA TYR B 197 -17.02 3.08 -3.42
C TYR B 197 -16.34 2.78 -2.12
N VAL B 198 -15.07 3.24 -1.97
CA VAL B 198 -14.28 2.99 -0.78
C VAL B 198 -13.77 4.32 -0.35
N ASN B 199 -14.15 4.78 0.85
CA ASN B 199 -13.66 6.02 1.38
C ASN B 199 -13.98 5.97 2.85
N SER B 200 -13.29 6.79 3.67
CA SER B 200 -13.52 6.90 5.10
C SER B 200 -14.89 7.41 5.42
N VAL B 201 -15.36 8.45 4.70
CA VAL B 201 -16.61 9.10 4.96
C VAL B 201 -17.55 8.61 3.91
N PRO B 202 -18.86 8.64 4.09
CA PRO B 202 -19.80 8.03 3.17
C PRO B 202 -19.92 8.80 1.88
N MET B 203 -19.74 10.15 1.88
CA MET B 203 -19.89 10.92 0.68
C MET B 203 -18.92 12.05 0.82
N ASP B 204 -18.38 12.56 -0.31
CA ASP B 204 -17.54 13.73 -0.27
C ASP B 204 -17.54 14.35 -1.64
N ASN B 205 -16.99 15.59 -1.72
CA ASN B 205 -16.94 16.42 -2.90
C ASN B 205 -16.14 15.75 -3.98
N MET B 206 -16.76 15.65 -5.18
CA MET B 206 -16.21 15.00 -6.35
C MET B 206 -14.97 15.65 -6.86
N TYR B 207 -14.95 17.00 -6.97
CA TYR B 207 -13.82 17.75 -7.48
C TYR B 207 -12.61 17.68 -6.61
N ARG B 208 -12.82 17.78 -5.28
CA ARG B 208 -11.74 18.01 -4.35
C ARG B 208 -10.90 16.79 -4.13
N HIS B 209 -11.45 15.60 -4.39
CA HIS B 209 -10.85 14.36 -3.96
C HIS B 209 -10.84 13.44 -5.14
N HIS B 210 -9.94 12.44 -5.11
CA HIS B 210 -9.84 11.41 -6.10
C HIS B 210 -10.01 10.15 -5.33
N ASN B 211 -10.65 9.13 -5.93
CA ASN B 211 -11.01 7.93 -5.22
C ASN B 211 -10.03 6.87 -5.57
N PHE B 212 -9.66 6.72 -6.86
CA PHE B 212 -8.76 5.66 -7.22
C PHE B 212 -8.17 6.04 -8.55
N THR B 213 -7.06 5.36 -8.88
CA THR B 213 -6.27 5.66 -10.04
C THR B 213 -6.16 4.37 -10.76
N LEU B 214 -6.78 4.30 -11.98
CA LEU B 214 -6.60 3.22 -12.92
C LEU B 214 -5.22 3.32 -13.49
N MET B 215 -4.54 2.19 -13.73
CA MET B 215 -3.20 2.20 -14.25
C MET B 215 -3.11 1.01 -15.13
N ILE B 216 -2.27 1.10 -16.18
CA ILE B 216 -2.01 0.01 -17.08
C ILE B 216 -0.52 0.04 -17.25
N ILE B 217 0.17 -1.07 -16.95
CA ILE B 217 1.62 -1.12 -16.98
C ILE B 217 1.97 -2.31 -17.82
N PRO B 218 2.53 -2.20 -19.00
CA PRO B 218 3.16 -3.29 -19.72
C PRO B 218 4.31 -3.87 -18.97
N PHE B 219 4.44 -5.21 -18.94
CA PHE B 219 5.57 -5.90 -18.37
C PHE B 219 6.35 -6.41 -19.53
N VAL B 220 5.83 -7.46 -20.19
CA VAL B 220 6.44 -8.05 -21.35
C VAL B 220 6.02 -7.19 -22.51
N PRO B 221 6.89 -6.61 -23.33
CA PRO B 221 6.51 -5.49 -24.17
C PRO B 221 6.00 -6.05 -25.44
N LEU B 222 5.23 -5.24 -26.21
CA LEU B 222 4.64 -5.61 -27.47
C LEU B 222 5.71 -5.94 -28.46
N ASP B 223 5.47 -6.96 -29.30
CA ASP B 223 6.37 -7.33 -30.36
C ASP B 223 5.50 -8.09 -31.31
N PHE B 224 5.98 -8.32 -32.54
CA PHE B 224 5.15 -8.86 -33.59
C PHE B 224 6.04 -9.65 -34.49
N SER B 225 5.45 -10.69 -35.12
CA SER B 225 6.13 -11.53 -36.08
C SER B 225 6.07 -10.81 -37.39
N ALA B 226 6.84 -11.29 -38.39
CA ALA B 226 6.93 -10.82 -39.76
C ALA B 226 5.67 -10.23 -40.32
N GLY B 227 5.77 -9.04 -40.95
CA GLY B 227 4.63 -8.21 -41.30
C GLY B 227 3.95 -7.72 -40.05
N ALA B 228 2.64 -7.48 -40.13
CA ALA B 228 1.77 -7.09 -39.03
C ALA B 228 1.98 -5.66 -38.61
N SER B 229 0.90 -5.07 -38.05
CA SER B 229 0.86 -3.73 -37.52
C SER B 229 1.85 -3.54 -36.40
N THR B 230 2.33 -2.29 -36.24
CA THR B 230 3.39 -1.98 -35.31
C THR B 230 2.79 -1.42 -34.05
N TYR B 231 1.44 -1.39 -33.91
CA TYR B 231 0.82 -0.93 -32.71
C TYR B 231 -0.46 -1.69 -32.55
N VAL B 232 -0.92 -1.79 -31.30
CA VAL B 232 -2.15 -2.42 -30.93
C VAL B 232 -2.89 -1.35 -30.17
N PRO B 233 -4.14 -1.01 -30.45
CA PRO B 233 -4.80 0.05 -29.73
C PRO B 233 -5.47 -0.53 -28.53
N ILE B 234 -5.62 0.26 -27.45
CA ILE B 234 -6.22 -0.12 -26.19
C ILE B 234 -7.38 0.82 -26.07
N THR B 235 -8.50 0.39 -25.43
CA THR B 235 -9.63 1.24 -25.23
C THR B 235 -10.17 0.90 -23.87
N VAL B 236 -10.73 1.91 -23.17
CA VAL B 236 -11.30 1.74 -21.85
C VAL B 236 -12.67 2.32 -21.92
N THR B 237 -13.59 1.77 -21.10
CA THR B 237 -14.97 2.17 -21.11
C THR B 237 -15.39 2.06 -19.67
N VAL B 238 -16.06 3.11 -19.14
CA VAL B 238 -16.34 3.22 -17.73
C VAL B 238 -17.77 3.60 -17.65
N ALA B 239 -18.55 2.94 -16.76
CA ALA B 239 -19.94 3.24 -16.56
C ALA B 239 -20.17 3.33 -15.07
N PRO B 240 -20.64 4.44 -14.51
CA PRO B 240 -21.12 4.55 -13.14
C PRO B 240 -22.17 3.55 -12.77
N MET B 241 -22.24 3.15 -11.49
CA MET B 241 -23.25 2.25 -11.02
C MET B 241 -23.65 2.70 -9.65
N CYS B 242 -24.98 2.77 -9.41
CA CYS B 242 -25.60 3.03 -8.14
C CYS B 242 -25.10 4.29 -7.48
N ALA B 243 -25.25 5.44 -8.20
CA ALA B 243 -24.78 6.73 -7.76
C ALA B 243 -25.81 7.41 -6.92
N GLU B 244 -25.37 8.35 -6.05
CA GLU B 244 -26.23 9.14 -5.22
C GLU B 244 -25.58 10.47 -5.07
N TYR B 245 -26.39 11.49 -4.70
CA TYR B 245 -25.92 12.84 -4.51
C TYR B 245 -26.79 13.42 -3.46
N ASN B 246 -26.30 14.45 -2.74
CA ASN B 246 -27.01 15.16 -1.69
C ASN B 246 -28.26 15.82 -2.20
N GLY B 247 -29.24 15.99 -1.29
CA GLY B 247 -30.48 16.69 -1.55
C GLY B 247 -30.29 18.13 -1.82
N LEU B 248 -31.42 18.86 -1.99
CA LEU B 248 -31.41 20.25 -2.37
C LEU B 248 -32.84 20.71 -2.39
N ARG B 249 -33.67 20.09 -1.53
CA ARG B 249 -35.07 20.36 -1.40
C ARG B 249 -35.25 20.77 0.02
N LEU B 250 -36.09 21.79 0.28
CA LEU B 250 -36.54 22.13 1.61
C LEU B 250 -37.37 21.02 2.17
N ALA B 251 -37.33 20.85 3.50
CA ALA B 251 -38.14 19.89 4.20
C ALA B 251 -39.35 20.60 4.76
N GLY B 252 -39.41 21.94 4.55
CA GLY B 252 -40.41 22.82 5.10
C GLY B 252 -41.71 22.81 4.35
N HIS B 253 -42.42 23.95 4.46
CA HIS B 253 -43.75 24.12 3.94
C HIS B 253 -43.95 25.60 3.94
N GLN B 254 -45.16 26.07 3.56
CA GLN B 254 -45.58 27.43 3.79
C GLN B 254 -45.83 27.62 5.29
N PRO C 3 -0.35 -12.84 51.42
CA PRO C 3 -1.02 -12.27 50.21
C PRO C 3 -0.94 -10.78 50.35
N THR C 4 -0.44 -10.09 49.30
CA THR C 4 -0.27 -8.67 49.34
C THR C 4 -0.19 -8.21 47.91
N MET C 5 -0.23 -6.87 47.73
CA MET C 5 -0.34 -6.20 46.46
C MET C 5 0.93 -5.45 46.19
N ASN C 6 1.99 -5.66 47.01
CA ASN C 6 3.24 -4.96 46.90
C ASN C 6 4.35 -5.97 46.70
N THR C 7 4.02 -7.15 46.13
CA THR C 7 4.97 -8.19 45.81
C THR C 7 6.01 -7.68 44.83
N PRO C 8 7.27 -8.13 44.84
CA PRO C 8 8.29 -7.79 43.86
C PRO C 8 7.83 -7.69 42.44
N GLY C 9 8.13 -6.54 41.78
CA GLY C 9 7.78 -6.30 40.41
C GLY C 9 6.39 -5.77 40.28
N SER C 10 5.87 -5.07 41.31
CA SER C 10 4.56 -4.46 41.24
C SER C 10 4.70 -2.98 41.01
N ASN C 11 5.93 -2.44 41.05
CA ASN C 11 6.19 -1.06 40.75
C ASN C 11 7.27 -1.13 39.74
N GLN C 12 7.00 -0.58 38.55
CA GLN C 12 7.81 -0.72 37.39
C GLN C 12 6.91 -0.45 36.24
N PHE C 13 7.51 -0.05 35.11
CA PHE C 13 6.84 0.13 33.86
C PHE C 13 7.52 -0.84 32.97
N LEU C 14 6.77 -1.82 32.44
CA LEU C 14 7.30 -2.84 31.60
C LEU C 14 6.60 -2.65 30.30
N THR C 15 7.37 -2.33 29.24
CA THR C 15 6.86 -2.24 27.89
C THR C 15 6.36 -3.58 27.46
N SER C 16 5.28 -3.61 26.65
CA SER C 16 4.53 -4.79 26.29
C SER C 16 3.98 -5.51 27.49
N ASP C 17 3.21 -4.77 28.31
CA ASP C 17 2.49 -5.33 29.41
C ASP C 17 1.23 -4.53 29.41
N ASP C 18 0.07 -5.20 29.54
CA ASP C 18 -1.21 -4.64 29.27
C ASP C 18 -1.94 -4.53 30.57
N PHE C 19 -2.46 -3.32 30.84
CA PHE C 19 -3.31 -3.01 31.95
C PHE C 19 -4.26 -2.00 31.41
N GLN C 20 -5.31 -1.67 32.17
CA GLN C 20 -6.21 -0.59 31.86
C GLN C 20 -5.53 0.71 32.20
N SER C 21 -6.08 1.82 31.71
CA SER C 21 -5.51 3.12 31.93
C SER C 21 -6.68 4.07 32.00
N PRO C 22 -6.67 5.12 32.80
CA PRO C 22 -7.69 6.17 32.77
C PRO C 22 -7.76 6.84 31.42
N SER C 23 -8.88 7.54 31.12
CA SER C 23 -9.09 8.13 29.83
C SER C 23 -9.11 9.61 30.01
N ALA C 24 -8.45 10.33 29.08
CA ALA C 24 -8.32 11.75 29.03
C ALA C 24 -9.65 12.41 28.90
N MET C 25 -10.53 11.85 28.05
CA MET C 25 -11.85 12.37 27.86
C MET C 25 -12.77 11.22 28.09
N PRO C 26 -13.57 11.20 29.15
CA PRO C 26 -14.50 10.12 29.38
C PRO C 26 -15.86 10.65 29.05
N GLN C 27 -15.96 11.60 28.11
CA GLN C 27 -17.21 12.18 27.69
C GLN C 27 -17.28 11.89 26.22
N PHE C 28 -16.60 12.73 25.40
CA PHE C 28 -16.41 12.51 24.00
C PHE C 28 -15.60 11.26 23.78
N ASP C 29 -15.95 10.49 22.72
CA ASP C 29 -15.35 9.24 22.36
C ASP C 29 -16.17 8.67 21.22
N VAL C 30 -17.17 9.44 20.74
CA VAL C 30 -18.26 8.92 19.99
C VAL C 30 -18.11 9.34 18.55
N THR C 31 -17.81 8.36 17.68
CA THR C 31 -18.02 8.49 16.27
C THR C 31 -18.47 7.11 15.90
N PRO C 32 -19.68 6.86 15.44
CA PRO C 32 -20.12 5.54 15.01
C PRO C 32 -19.29 4.98 13.90
N GLU C 33 -18.87 3.70 14.01
CA GLU C 33 -18.23 2.95 12.97
C GLU C 33 -19.18 2.70 11.83
N MET C 34 -18.68 2.69 10.57
CA MET C 34 -19.44 2.30 9.42
C MET C 34 -18.68 1.17 8.83
N HIS C 35 -19.39 0.31 8.07
CA HIS C 35 -18.81 -0.73 7.27
C HIS C 35 -18.00 -0.16 6.14
N ILE C 36 -16.80 -0.72 5.87
CA ILE C 36 -15.91 -0.23 4.84
C ILE C 36 -15.52 -1.48 4.08
N PRO C 37 -15.63 -1.58 2.76
CA PRO C 37 -15.26 -2.76 1.99
C PRO C 37 -13.83 -3.16 2.20
N GLY C 38 -13.56 -4.48 2.36
CA GLY C 38 -12.25 -5.02 2.54
C GLY C 38 -11.79 -4.79 3.94
N GLU C 39 -11.35 -5.86 4.63
CA GLU C 39 -10.92 -5.76 5.98
C GLU C 39 -9.90 -6.82 6.15
N VAL C 40 -8.83 -6.51 6.90
CA VAL C 40 -7.73 -7.41 7.11
C VAL C 40 -7.77 -7.66 8.59
N ARG C 41 -7.68 -8.93 9.01
CA ARG C 41 -7.71 -9.29 10.40
C ARG C 41 -6.58 -10.22 10.70
N ASN C 42 -5.79 -10.60 9.68
CA ASN C 42 -4.70 -11.51 9.89
C ASN C 42 -3.78 -11.23 8.75
N LEU C 43 -2.47 -11.46 8.94
CA LEU C 43 -1.47 -11.04 7.99
C LEU C 43 -1.15 -12.17 7.05
N MET C 44 -1.91 -13.28 7.11
CA MET C 44 -1.80 -14.36 6.17
C MET C 44 -2.86 -14.21 5.13
N GLU C 45 -3.57 -13.07 5.14
CA GLU C 45 -4.57 -12.79 4.15
C GLU C 45 -3.94 -11.96 3.07
N ILE C 46 -2.68 -11.50 3.28
CA ILE C 46 -1.96 -10.77 2.28
C ILE C 46 -0.67 -11.48 2.02
N ALA C 47 -0.51 -12.73 2.53
CA ALA C 47 0.67 -13.50 2.28
C ALA C 47 0.36 -14.56 1.27
N GLU C 48 -0.92 -14.70 0.89
CA GLU C 48 -1.38 -15.74 0.00
C GLU C 48 -1.80 -15.11 -1.28
N VAL C 49 -1.39 -13.84 -1.50
CA VAL C 49 -1.70 -13.10 -2.70
C VAL C 49 -0.47 -13.23 -3.55
N ASP C 50 -0.67 -13.50 -4.87
CA ASP C 50 0.37 -13.62 -5.86
C ASP C 50 1.10 -12.31 -6.02
N SER C 51 2.38 -12.38 -6.40
CA SER C 51 3.15 -11.21 -6.69
C SER C 51 4.21 -11.64 -7.64
N VAL C 52 4.64 -10.74 -8.54
CA VAL C 52 5.57 -11.07 -9.59
C VAL C 52 6.92 -10.93 -8.98
N MET C 53 7.72 -12.01 -9.00
CA MET C 53 9.03 -12.03 -8.41
C MET C 53 10.04 -11.68 -9.46
N PRO C 54 11.11 -10.95 -9.18
CA PRO C 54 12.12 -10.65 -10.17
C PRO C 54 13.06 -11.81 -10.20
N ILE C 55 13.50 -12.23 -11.40
CA ILE C 55 14.29 -13.42 -11.56
C ILE C 55 15.59 -12.94 -12.11
N ASN C 56 15.52 -12.01 -13.09
CA ASN C 56 16.65 -11.56 -13.85
C ASN C 56 17.32 -10.49 -13.06
N ASN C 57 18.61 -10.71 -12.71
CA ASN C 57 19.39 -9.75 -11.97
C ASN C 57 20.73 -9.68 -12.64
N ASP C 58 21.09 -8.47 -13.14
CA ASP C 58 22.30 -8.23 -13.86
C ASP C 58 23.00 -7.15 -13.09
N SER C 59 22.74 -5.86 -13.41
CA SER C 59 23.39 -4.76 -12.73
C SER C 59 22.65 -3.50 -13.10
N ALA C 60 21.71 -3.58 -14.05
CA ALA C 60 20.99 -2.43 -14.53
C ALA C 60 19.76 -2.97 -15.19
N ALA C 61 19.50 -4.28 -14.98
CA ALA C 61 18.30 -4.95 -15.37
C ALA C 61 17.49 -5.10 -14.13
N LYS C 62 17.72 -4.23 -13.14
CA LYS C 62 17.10 -4.28 -11.84
C LYS C 62 17.25 -2.93 -11.21
N VAL C 63 17.73 -1.94 -11.99
CA VAL C 63 17.71 -0.56 -11.62
C VAL C 63 16.52 -0.05 -12.36
N SER C 64 16.55 -0.21 -13.71
CA SER C 64 15.37 -0.17 -14.52
C SER C 64 14.94 -1.60 -14.50
N SER C 65 13.73 -1.83 -13.97
CA SER C 65 13.40 -3.12 -13.43
C SER C 65 12.26 -3.70 -14.19
N MET C 66 12.04 -3.23 -15.44
CA MET C 66 11.03 -3.82 -16.27
C MET C 66 11.68 -4.85 -17.15
N GLU C 67 12.96 -5.17 -16.84
CA GLU C 67 13.68 -6.24 -17.45
C GLU C 67 13.98 -7.20 -16.34
N ALA C 68 13.61 -6.85 -15.08
CA ALA C 68 13.93 -7.63 -13.93
C ALA C 68 12.99 -8.77 -13.77
N TYR C 69 11.80 -8.69 -14.40
CA TYR C 69 10.73 -9.61 -14.14
C TYR C 69 10.58 -10.60 -15.25
N ARG C 70 11.50 -10.63 -16.24
CA ARG C 70 11.30 -11.47 -17.39
C ARG C 70 12.62 -11.94 -17.89
N VAL C 71 12.63 -13.17 -18.44
CA VAL C 71 13.83 -13.88 -18.80
C VAL C 71 13.71 -14.21 -20.24
N GLU C 72 14.75 -13.90 -21.04
CA GLU C 72 14.82 -14.17 -22.46
C GLU C 72 14.82 -15.62 -22.79
N LEU C 73 14.30 -15.95 -23.99
CA LEU C 73 14.36 -17.25 -24.58
C LEU C 73 14.73 -16.97 -26.00
N SER C 74 15.24 -17.98 -26.72
CA SER C 74 15.70 -17.76 -28.07
C SER C 74 15.70 -19.08 -28.77
N THR C 75 15.74 -19.02 -30.12
CA THR C 75 15.84 -20.17 -30.98
C THR C 75 17.27 -20.63 -31.06
N ASN C 76 18.22 -19.72 -30.76
CA ASN C 76 19.65 -19.92 -30.88
C ASN C 76 20.13 -20.99 -29.95
N THR C 77 19.63 -20.96 -28.69
CA THR C 77 19.97 -21.89 -27.64
C THR C 77 19.58 -23.29 -28.00
N ASN C 78 20.39 -24.26 -27.54
CA ASN C 78 20.21 -25.66 -27.85
C ASN C 78 19.55 -26.28 -26.67
N ALA C 79 18.88 -27.43 -26.90
CA ALA C 79 18.22 -28.20 -25.87
C ALA C 79 19.17 -28.67 -24.82
N GLY C 80 18.72 -28.69 -23.55
CA GLY C 80 19.47 -29.22 -22.45
C GLY C 80 20.39 -28.20 -21.87
N THR C 81 20.05 -26.91 -21.97
CA THR C 81 20.77 -25.86 -21.28
C THR C 81 19.74 -25.23 -20.39
N GLN C 82 20.09 -24.98 -19.12
CA GLN C 82 19.15 -24.43 -18.17
C GLN C 82 18.95 -22.96 -18.40
N VAL C 83 17.76 -22.46 -18.02
CA VAL C 83 17.46 -21.07 -17.96
C VAL C 83 17.00 -20.87 -16.55
N PHE C 84 17.62 -19.89 -15.86
CA PHE C 84 17.47 -19.57 -14.46
C PHE C 84 17.53 -20.72 -13.49
N GLY C 85 17.26 -20.42 -12.20
CA GLY C 85 17.27 -21.37 -11.13
C GLY C 85 17.57 -20.57 -9.92
N PHE C 86 17.20 -21.07 -8.72
CA PHE C 86 17.37 -20.29 -7.53
C PHE C 86 17.33 -21.20 -6.34
N GLN C 87 17.89 -20.69 -5.22
CA GLN C 87 18.11 -21.40 -3.98
C GLN C 87 16.85 -21.89 -3.35
N LEU C 88 15.75 -21.09 -3.43
CA LEU C 88 14.46 -21.44 -2.90
C LEU C 88 14.50 -21.38 -1.40
N ASN C 89 14.38 -20.17 -0.84
CA ASN C 89 14.59 -19.97 0.57
C ASN C 89 14.18 -18.54 0.80
N PRO C 90 12.92 -18.23 1.06
CA PRO C 90 12.47 -16.86 1.03
C PRO C 90 12.80 -16.24 2.36
N GLY C 91 13.52 -15.11 2.34
CA GLY C 91 13.78 -14.34 3.52
C GLY C 91 15.25 -14.13 3.61
N ALA C 92 16.01 -14.55 2.59
CA ALA C 92 17.45 -14.53 2.67
C ALA C 92 18.02 -14.70 1.30
N GLU C 93 17.17 -14.96 0.29
CA GLU C 93 17.59 -15.08 -1.07
C GLU C 93 16.91 -13.96 -1.77
N SER C 94 17.69 -13.05 -2.40
CA SER C 94 17.16 -11.88 -3.05
C SER C 94 16.79 -12.28 -4.44
N VAL C 95 15.54 -12.74 -4.57
CA VAL C 95 14.95 -13.12 -5.80
C VAL C 95 13.49 -13.25 -5.46
N MET C 96 13.14 -13.18 -4.16
CA MET C 96 11.80 -13.41 -3.73
C MET C 96 11.65 -12.96 -2.31
N ASN C 97 12.61 -12.19 -1.75
CA ASN C 97 12.52 -11.75 -0.39
C ASN C 97 12.09 -10.32 -0.31
N ARG C 98 11.93 -9.64 -1.48
CA ARG C 98 11.44 -8.28 -1.51
C ARG C 98 10.11 -8.30 -2.20
N THR C 99 9.52 -9.50 -2.40
CA THR C 99 8.21 -9.67 -2.97
C THR C 99 7.21 -9.46 -1.88
N LEU C 100 5.92 -9.38 -2.22
CA LEU C 100 4.87 -9.10 -1.26
C LEU C 100 4.81 -10.13 -0.18
N MET C 101 4.84 -11.42 -0.56
CA MET C 101 4.83 -12.52 0.36
C MET C 101 6.06 -12.56 1.20
N GLY C 102 7.24 -12.33 0.58
CA GLY C 102 8.52 -12.54 1.19
C GLY C 102 8.81 -11.50 2.22
N GLU C 103 8.20 -10.31 2.08
CA GLU C 103 8.47 -9.16 2.89
C GLU C 103 7.81 -9.29 4.23
N ILE C 104 6.79 -10.16 4.35
CA ILE C 104 6.07 -10.37 5.58
C ILE C 104 6.89 -11.23 6.49
N LEU C 105 7.82 -12.05 5.94
CA LEU C 105 8.54 -13.02 6.71
C LEU C 105 9.83 -12.46 7.23
N ASN C 106 10.04 -11.14 7.07
CA ASN C 106 11.19 -10.47 7.62
C ASN C 106 10.78 -9.75 8.86
N TYR C 107 9.51 -9.92 9.30
CA TYR C 107 9.03 -9.39 10.54
C TYR C 107 8.94 -10.49 11.54
N TYR C 108 9.42 -11.70 11.20
CA TYR C 108 9.32 -12.82 12.11
C TYR C 108 10.57 -13.60 11.98
N ALA C 109 10.83 -14.44 13.00
CA ALA C 109 11.95 -15.33 13.00
C ALA C 109 11.37 -16.68 13.25
N HIS C 110 11.62 -17.61 12.30
CA HIS C 110 11.14 -18.97 12.31
C HIS C 110 9.71 -19.02 11.84
N TRP C 111 9.51 -19.74 10.74
CA TRP C 111 8.26 -19.82 10.05
C TRP C 111 8.31 -21.12 9.32
N SER C 112 7.14 -21.63 8.86
CA SER C 112 7.10 -22.88 8.15
C SER C 112 5.82 -22.91 7.39
N GLY C 113 5.70 -23.90 6.48
CA GLY C 113 4.54 -24.09 5.66
C GLY C 113 5.04 -24.51 4.32
N SER C 114 4.24 -24.22 3.28
CA SER C 114 4.59 -24.55 1.93
C SER C 114 4.25 -23.33 1.13
N ILE C 115 4.87 -23.21 -0.06
CA ILE C 115 4.71 -22.08 -0.94
C ILE C 115 4.51 -22.69 -2.28
N LYS C 116 4.00 -21.91 -3.25
CA LYS C 116 3.76 -22.42 -4.57
C LYS C 116 4.18 -21.35 -5.52
N ILE C 117 4.93 -21.75 -6.55
CA ILE C 117 5.46 -20.90 -7.58
C ILE C 117 4.60 -21.15 -8.77
N THR C 118 4.63 -20.22 -9.74
CA THR C 118 3.77 -20.27 -10.88
C THR C 118 4.62 -19.76 -12.00
N PHE C 119 4.55 -20.40 -13.18
CA PHE C 119 5.26 -19.98 -14.34
C PHE C 119 4.20 -19.60 -15.31
N VAL C 120 4.45 -18.54 -16.10
CA VAL C 120 3.52 -18.07 -17.08
C VAL C 120 4.37 -17.77 -18.26
N PHE C 121 4.04 -18.34 -19.43
CA PHE C 121 4.71 -18.10 -20.67
C PHE C 121 3.95 -16.97 -21.32
N CYS C 122 4.66 -15.92 -21.80
CA CYS C 122 4.04 -14.73 -22.31
C CYS C 122 4.45 -14.50 -23.74
N GLY C 123 4.99 -15.52 -24.45
CA GLY C 123 5.35 -15.42 -25.84
C GLY C 123 4.15 -15.36 -26.75
N SER C 124 4.35 -15.57 -28.06
CA SER C 124 3.33 -15.45 -29.07
C SER C 124 2.47 -16.68 -29.03
N ALA C 125 1.32 -16.64 -29.74
CA ALA C 125 0.31 -17.66 -29.67
C ALA C 125 0.54 -18.72 -30.71
N MET C 126 1.65 -18.62 -31.45
CA MET C 126 2.02 -19.60 -32.44
C MET C 126 3.33 -20.22 -32.06
N THR C 127 3.89 -19.87 -30.87
CA THR C 127 5.15 -20.39 -30.44
C THR C 127 4.86 -21.62 -29.63
N THR C 128 5.65 -22.69 -29.81
CA THR C 128 5.44 -23.94 -29.13
C THR C 128 6.81 -24.47 -28.79
N GLY C 129 6.97 -24.99 -27.56
CA GLY C 129 8.20 -25.60 -27.13
C GLY C 129 7.83 -26.51 -26.01
N LYS C 130 8.85 -27.08 -25.33
CA LYS C 130 8.62 -27.94 -24.21
C LYS C 130 9.75 -27.63 -23.29
N PHE C 131 9.45 -27.57 -21.99
CA PHE C 131 10.40 -27.28 -20.97
C PHE C 131 10.24 -28.36 -19.97
N LEU C 132 11.33 -28.64 -19.23
CA LEU C 132 11.36 -29.62 -18.20
C LEU C 132 11.67 -28.83 -16.98
N LEU C 133 10.68 -28.72 -16.06
CA LEU C 133 10.81 -28.07 -14.78
C LEU C 133 11.31 -29.13 -13.87
N SER C 134 11.99 -28.75 -12.78
CA SER C 134 12.66 -29.72 -11.96
C SER C 134 12.72 -29.16 -10.59
N TYR C 135 12.81 -30.06 -9.61
CA TYR C 135 12.85 -29.75 -8.22
C TYR C 135 13.82 -30.72 -7.63
N ALA C 136 14.68 -30.25 -6.72
CA ALA C 136 15.66 -31.06 -6.04
C ALA C 136 15.26 -30.99 -4.60
N PRO C 137 15.21 -32.07 -3.84
CA PRO C 137 14.95 -32.05 -2.40
C PRO C 137 16.00 -31.27 -1.66
N PRO C 138 15.76 -30.71 -0.48
CA PRO C 138 16.78 -30.05 0.33
C PRO C 138 17.89 -30.99 0.69
N GLY C 139 19.14 -30.48 0.72
CA GLY C 139 20.30 -31.26 1.09
C GLY C 139 20.80 -32.05 -0.08
N ALA C 140 20.52 -31.58 -1.30
CA ALA C 140 21.05 -32.18 -2.50
C ALA C 140 21.26 -31.03 -3.43
N GLY C 141 22.44 -31.02 -4.11
CA GLY C 141 22.83 -30.00 -5.05
C GLY C 141 21.92 -29.94 -6.24
N ALA C 142 22.00 -28.83 -7.01
CA ALA C 142 21.27 -28.63 -8.24
C ALA C 142 21.69 -29.64 -9.28
N PRO C 143 20.83 -30.16 -10.14
CA PRO C 143 21.21 -31.02 -11.26
C PRO C 143 22.18 -30.33 -12.19
N LYS C 144 23.07 -31.10 -12.85
CA LYS C 144 24.15 -30.56 -13.62
C LYS C 144 23.92 -30.81 -15.08
N THR C 145 22.85 -31.54 -15.44
CA THR C 145 22.61 -31.96 -16.79
C THR C 145 21.12 -32.08 -16.84
N ARG C 146 20.50 -32.04 -18.05
CA ARG C 146 19.09 -32.27 -18.17
C ARG C 146 18.76 -33.70 -17.87
N LYS C 147 19.72 -34.63 -18.10
CA LYS C 147 19.58 -36.02 -17.76
C LYS C 147 19.44 -36.19 -16.27
N ASP C 148 20.26 -35.46 -15.49
CA ASP C 148 20.23 -35.49 -14.04
C ASP C 148 18.92 -34.99 -13.52
N ALA C 149 18.44 -33.87 -14.10
CA ALA C 149 17.23 -33.18 -13.72
C ALA C 149 16.03 -34.03 -13.91
N MET C 150 16.00 -34.77 -15.04
CA MET C 150 14.93 -35.64 -15.46
C MET C 150 14.71 -36.75 -14.49
N LEU C 151 15.81 -37.33 -13.94
CA LEU C 151 15.72 -38.46 -13.04
C LEU C 151 15.25 -38.05 -11.67
N GLY C 152 15.33 -36.74 -11.34
CA GLY C 152 14.77 -36.17 -10.14
C GLY C 152 13.28 -36.04 -10.27
N THR C 153 12.66 -35.11 -9.51
CA THR C 153 11.26 -34.81 -9.64
C THR C 153 11.19 -33.79 -10.72
N HIS C 154 10.27 -33.97 -11.68
CA HIS C 154 10.22 -33.10 -12.82
C HIS C 154 8.83 -33.15 -13.32
N VAL C 155 8.42 -32.05 -13.97
CA VAL C 155 7.13 -31.93 -14.58
C VAL C 155 7.46 -31.44 -15.94
N VAL C 156 7.05 -32.18 -17.00
CA VAL C 156 7.25 -31.77 -18.36
C VAL C 156 6.09 -30.88 -18.65
N TRP C 157 6.38 -29.61 -18.99
CA TRP C 157 5.39 -28.60 -19.18
C TRP C 157 5.47 -28.26 -20.63
N ASP C 158 4.36 -28.51 -21.35
CA ASP C 158 4.27 -28.27 -22.75
C ASP C 158 3.67 -26.90 -22.89
N VAL C 159 4.39 -25.99 -23.56
CA VAL C 159 3.89 -24.70 -23.92
C VAL C 159 3.30 -24.89 -25.27
N GLY C 160 1.99 -24.64 -25.41
CA GLY C 160 1.26 -24.87 -26.62
C GLY C 160 0.03 -25.65 -26.26
N LEU C 161 -0.20 -25.87 -24.96
CA LEU C 161 -1.36 -26.51 -24.44
C LEU C 161 -1.64 -25.69 -23.23
N GLN C 162 -0.72 -25.76 -22.25
CA GLN C 162 -0.80 -25.05 -21.01
C GLN C 162 -0.02 -23.81 -21.16
N SER C 163 -0.52 -22.72 -20.56
CA SER C 163 0.10 -21.42 -20.62
C SER C 163 0.61 -21.10 -19.25
N SER C 164 0.48 -22.05 -18.30
CA SER C 164 0.96 -21.83 -16.96
C SER C 164 1.08 -23.17 -16.31
N CYS C 165 1.85 -23.25 -15.21
CA CYS C 165 1.99 -24.46 -14.46
C CYS C 165 2.21 -23.98 -13.07
N VAL C 166 1.73 -24.75 -12.07
CA VAL C 166 1.85 -24.41 -10.68
C VAL C 166 2.51 -25.60 -10.07
N LEU C 167 3.64 -25.37 -9.37
CA LEU C 167 4.28 -26.39 -8.58
C LEU C 167 4.05 -25.93 -7.19
N CYS C 168 3.67 -26.85 -6.29
CA CYS C 168 3.44 -26.56 -4.91
C CYS C 168 4.50 -27.33 -4.21
N ILE C 169 5.43 -26.63 -3.54
CA ILE C 169 6.65 -27.20 -3.05
C ILE C 169 6.50 -27.29 -1.56
N PRO C 170 6.52 -28.44 -0.93
CA PRO C 170 6.35 -28.54 0.50
C PRO C 170 7.69 -28.44 1.13
N TRP C 171 7.72 -28.15 2.45
CA TRP C 171 8.87 -28.38 3.29
C TRP C 171 9.86 -27.25 3.14
N ILE C 172 9.42 -26.00 3.37
CA ILE C 172 10.29 -24.85 3.42
C ILE C 172 10.12 -24.32 4.80
N SER C 173 11.18 -23.69 5.34
CA SER C 173 11.26 -23.33 6.73
C SER C 173 12.67 -22.87 6.93
N GLN C 174 12.85 -21.75 7.68
CA GLN C 174 14.14 -21.34 8.13
C GLN C 174 13.91 -20.48 9.37
N THR C 186 24.13 -22.98 2.36
CA THR C 186 22.87 -23.39 3.04
C THR C 186 22.35 -24.67 2.43
N ASN C 187 21.34 -25.28 3.08
CA ASN C 187 20.65 -26.43 2.60
C ASN C 187 19.25 -25.97 2.41
N ALA C 188 18.62 -26.48 1.33
CA ALA C 188 17.34 -26.06 0.83
C ALA C 188 17.39 -26.53 -0.59
N GLY C 189 16.19 -26.72 -1.20
CA GLY C 189 16.03 -27.30 -2.52
C GLY C 189 16.57 -26.44 -3.63
N PHE C 190 16.14 -26.74 -4.86
CA PHE C 190 16.47 -25.93 -6.00
C PHE C 190 15.32 -26.10 -6.93
N VAL C 191 15.07 -25.05 -7.72
CA VAL C 191 14.12 -25.06 -8.78
C VAL C 191 14.98 -24.73 -9.94
N THR C 192 14.83 -25.44 -11.07
CA THR C 192 15.58 -25.17 -12.26
C THR C 192 14.66 -25.49 -13.39
N CYS C 193 14.80 -24.75 -14.50
CA CYS C 193 14.04 -24.92 -15.69
C CYS C 193 15.07 -25.22 -16.74
N TRP C 194 14.73 -26.08 -17.70
CA TRP C 194 15.66 -26.57 -18.69
C TRP C 194 14.89 -26.64 -19.96
N TYR C 195 15.55 -26.33 -21.10
CA TYR C 195 15.04 -26.64 -22.41
C TYR C 195 14.97 -28.13 -22.59
N GLN C 196 13.91 -28.61 -23.25
CA GLN C 196 13.79 -29.99 -23.63
C GLN C 196 13.85 -29.99 -25.12
N THR C 197 13.32 -28.91 -25.73
CA THR C 197 13.37 -28.66 -27.13
C THR C 197 13.60 -27.19 -27.22
N SER C 198 14.09 -26.72 -28.40
CA SER C 198 14.20 -25.31 -28.66
C SER C 198 12.86 -24.84 -29.13
N VAL C 199 12.52 -23.55 -28.87
CA VAL C 199 11.26 -22.96 -29.26
C VAL C 199 11.12 -22.92 -30.75
N VAL C 200 9.86 -23.03 -31.23
CA VAL C 200 9.52 -23.13 -32.62
C VAL C 200 8.82 -21.84 -32.93
N SER C 201 9.44 -21.00 -33.78
CA SER C 201 8.93 -19.69 -34.11
C SER C 201 7.96 -19.81 -35.26
N PRO C 202 6.98 -18.92 -35.40
CA PRO C 202 6.08 -18.91 -36.54
C PRO C 202 6.76 -18.39 -37.76
N ALA C 203 7.60 -17.34 -37.62
CA ALA C 203 8.26 -16.65 -38.69
C ALA C 203 8.85 -15.40 -38.11
N SER C 204 8.83 -15.25 -36.76
CA SER C 204 9.32 -14.09 -36.05
C SER C 204 10.79 -13.94 -36.27
N ASN C 205 11.26 -12.69 -36.44
CA ASN C 205 12.60 -12.42 -36.89
C ASN C 205 13.45 -12.03 -35.73
N GLN C 206 12.82 -11.85 -34.54
CA GLN C 206 13.51 -11.66 -33.29
C GLN C 206 12.93 -12.78 -32.47
N PRO C 207 13.70 -13.64 -31.80
CA PRO C 207 13.15 -14.89 -31.30
C PRO C 207 12.89 -14.68 -29.83
N LYS C 208 12.64 -13.42 -29.43
CA LYS C 208 12.51 -13.05 -28.06
C LYS C 208 11.16 -13.46 -27.61
N CYS C 209 11.14 -14.34 -26.60
CA CYS C 209 9.94 -14.81 -25.98
C CYS C 209 10.33 -14.79 -24.54
N TYR C 210 9.35 -14.73 -23.64
CA TYR C 210 9.63 -14.42 -22.27
C TYR C 210 8.75 -15.27 -21.44
N MET C 211 9.12 -15.38 -20.15
CA MET C 211 8.28 -15.98 -19.18
C MET C 211 8.55 -15.27 -17.91
N MET C 212 7.52 -15.23 -17.04
CA MET C 212 7.52 -14.50 -15.81
C MET C 212 7.34 -15.57 -14.79
N CYS C 213 7.41 -15.21 -13.49
CA CYS C 213 7.21 -16.16 -12.45
C CYS C 213 6.58 -15.38 -11.34
N MET C 214 5.68 -16.02 -10.57
CA MET C 214 4.94 -15.40 -9.52
C MET C 214 5.04 -16.35 -8.37
N VAL C 215 4.77 -15.88 -7.13
CA VAL C 215 4.97 -16.70 -5.96
C VAL C 215 3.98 -16.23 -4.94
N SER C 216 3.53 -17.16 -4.08
CA SER C 216 2.67 -16.85 -2.98
C SER C 216 2.75 -17.99 -2.03
N ALA C 217 2.43 -17.73 -0.75
CA ALA C 217 2.28 -18.76 0.26
C ALA C 217 1.06 -19.58 -0.06
N CYS C 218 1.09 -20.86 0.30
CA CYS C 218 0.05 -21.79 -0.01
C CYS C 218 -0.47 -22.22 1.31
N ASN C 219 -1.83 -22.35 1.40
CA ASN C 219 -2.61 -22.87 2.51
C ASN C 219 -2.12 -22.45 3.87
N ASP C 220 -1.96 -23.41 4.81
CA ASP C 220 -1.46 -23.20 6.14
C ASP C 220 -0.06 -22.61 6.12
N PHE C 221 0.20 -21.70 7.08
CA PHE C 221 1.49 -21.08 7.18
C PHE C 221 1.47 -20.62 8.60
N SER C 222 2.65 -20.41 9.21
CA SER C 222 2.71 -19.99 10.58
C SER C 222 3.96 -19.22 10.75
N VAL C 223 3.94 -18.25 11.69
CA VAL C 223 5.06 -17.45 12.05
C VAL C 223 4.99 -17.33 13.52
N ARG C 224 6.14 -17.02 14.16
CA ARG C 224 6.18 -16.84 15.58
C ARG C 224 7.24 -15.82 15.82
N MET C 225 7.04 -14.97 16.86
CA MET C 225 8.05 -14.15 17.46
C MET C 225 8.44 -12.99 16.59
N LEU C 226 7.82 -11.82 16.86
CA LEU C 226 7.99 -10.59 16.13
C LEU C 226 9.39 -10.07 16.28
N ARG C 227 9.92 -9.41 15.22
CA ARG C 227 11.18 -8.71 15.30
C ARG C 227 11.16 -7.71 14.19
N ASP C 228 12.08 -6.72 14.22
CA ASP C 228 12.05 -5.60 13.30
C ASP C 228 12.80 -5.91 12.05
N THR C 229 12.25 -5.41 10.92
CA THR C 229 12.75 -5.56 9.58
C THR C 229 14.08 -4.87 9.41
N LYS C 230 14.89 -5.36 8.45
CA LYS C 230 16.25 -4.95 8.24
C LYS C 230 16.36 -3.99 7.09
N PHE C 231 15.25 -3.62 6.42
CA PHE C 231 15.33 -2.94 5.13
C PHE C 231 15.15 -1.46 5.24
N ILE C 232 14.96 -0.91 6.46
CA ILE C 232 14.90 0.52 6.65
C ILE C 232 15.83 0.80 7.79
N GLU C 233 16.61 1.89 7.67
CA GLU C 233 17.65 2.21 8.62
C GLU C 233 17.39 3.59 9.13
N GLN C 234 16.97 3.65 10.41
CA GLN C 234 16.82 4.82 11.25
C GLN C 234 15.99 5.93 10.67
N THR C 235 15.92 7.06 11.42
CA THR C 235 15.31 8.30 11.00
C THR C 235 16.37 9.06 10.25
N SER C 236 15.97 10.20 9.65
CA SER C 236 16.85 10.99 8.83
C SER C 236 16.24 12.34 8.67
N PHE C 237 15.20 12.66 9.46
CA PHE C 237 14.48 13.90 9.36
C PHE C 237 13.95 14.26 10.76
#